data_6K63
#
_entry.id   6K63
#
_cell.length_a   151.748
_cell.length_b   151.748
_cell.length_c   120.155
_cell.angle_alpha   90.00
_cell.angle_beta   90.00
_cell.angle_gamma   120.00
#
_symmetry.space_group_name_H-M   'P 32 2 1'
#
loop_
_entity.id
_entity.type
_entity.pdbx_description
1 polymer 'Cytidine deaminase'
2 non-polymer '1,4-DIETHYLENE DIOXIDE'
3 non-polymer 'ZINC ION'
4 water water
#
_entity_poly.entity_id   1
_entity_poly.type   'polypeptide(L)'
_entity_poly.pdbx_seq_one_letter_code
;MHSRFQAALTTLAADLQAAIAPMLADPHFPALLEADQVATLQHATGLDEDALAFALLPLAAACARPDLSHFNVGAIARGV
SGRWYFGGNMEFLGATMQQTVHAEQSAISHAWLRGETSLRAITVNYTPCGHCRQFMNELNSGLALRIHLPGREAHALEHY
LPDAFGPKDLEIKTLLMDEQDHGFPVSGDALTQAAIQAANRCHAPYSHSPSGVALELKDGTIFSGSYAENAAFNPTLPPL
QGALNLLSLNGYDYPAIQRAILAEKADAALIQWDATVATLKALGCHNIERVLLG
;
_entity_poly.pdbx_strand_id   A,B,C,D
#
loop_
_chem_comp.id
_chem_comp.type
_chem_comp.name
_chem_comp.formula
DIO non-polymer '1,4-DIETHYLENE DIOXIDE' 'C4 H8 O2'
ZN non-polymer 'ZINC ION' 'Zn 2'
#
# COMPACT_ATOMS: atom_id res chain seq x y z
N MET A 1 -13.28 20.88 -15.98
CA MET A 1 -11.92 21.16 -16.43
C MET A 1 -10.95 20.08 -15.94
N HIS A 2 -11.50 18.92 -15.59
CA HIS A 2 -10.68 17.81 -15.09
C HIS A 2 -9.76 17.28 -16.19
N SER A 3 -8.58 16.83 -15.76
CA SER A 3 -7.63 16.20 -16.70
C SER A 3 -6.68 15.31 -15.92
N ARG A 4 -6.62 14.03 -16.33
CA ARG A 4 -5.69 13.11 -15.69
C ARG A 4 -4.24 13.42 -16.02
N PHE A 5 -3.97 14.36 -16.93
CA PHE A 5 -2.61 14.68 -17.36
C PHE A 5 -2.02 15.92 -16.69
N GLN A 6 -2.83 16.72 -15.98
CA GLN A 6 -2.37 18.03 -15.52
C GLN A 6 -1.12 17.93 -14.66
N ALA A 7 -1.17 17.11 -13.60
CA ALA A 7 -0.02 16.99 -12.71
C ALA A 7 1.21 16.47 -13.45
N ALA A 8 1.04 15.42 -14.27
CA ALA A 8 2.17 14.90 -15.01
C ALA A 8 2.73 15.94 -15.98
N LEU A 9 1.85 16.73 -16.60
CA LEU A 9 2.31 17.75 -17.54
C LEU A 9 3.28 18.73 -16.90
N THR A 10 3.02 19.11 -15.64
CA THR A 10 3.91 20.05 -14.94
C THR A 10 5.32 19.52 -14.83
N THR A 11 5.52 18.21 -14.92
CA THR A 11 6.84 17.61 -14.83
C THR A 11 7.57 17.52 -16.18
N LEU A 12 6.90 17.86 -17.28
CA LEU A 12 7.50 17.77 -18.60
C LEU A 12 8.22 19.07 -18.95
N ALA A 13 9.19 18.97 -19.85
CA ALA A 13 9.84 20.17 -20.38
C ALA A 13 8.80 21.10 -20.99
N ALA A 14 9.07 22.41 -20.92
CA ALA A 14 8.11 23.40 -21.41
C ALA A 14 7.83 23.24 -22.90
N ASP A 15 8.86 22.89 -23.70
CA ASP A 15 8.61 22.80 -25.13
C ASP A 15 7.70 21.62 -25.46
N LEU A 16 7.85 20.50 -24.75
CA LEU A 16 6.99 19.33 -24.98
C LEU A 16 5.57 19.60 -24.50
N GLN A 17 5.41 20.26 -23.35
CA GLN A 17 4.09 20.69 -22.89
C GLN A 17 3.38 21.49 -23.97
N ALA A 18 4.05 22.51 -24.52
CA ALA A 18 3.42 23.34 -25.53
C ALA A 18 3.07 22.51 -26.77
N ALA A 19 3.96 21.60 -27.16
CA ALA A 19 3.76 20.83 -28.39
C ALA A 19 2.60 19.85 -28.26
N ILE A 20 2.49 19.19 -27.12
CA ILE A 20 1.47 18.15 -26.98
C ILE A 20 0.13 18.68 -26.48
N ALA A 21 0.11 19.88 -25.88
CA ALA A 21 -1.13 20.46 -25.37
C ALA A 21 -2.29 20.41 -26.35
N PRO A 22 -2.15 20.84 -27.62
CA PRO A 22 -3.28 20.69 -28.55
C PRO A 22 -3.72 19.25 -28.75
N MET A 23 -2.81 18.28 -28.60
CA MET A 23 -3.18 16.89 -28.81
C MET A 23 -3.95 16.34 -27.62
N LEU A 24 -3.67 16.82 -26.42
CA LEU A 24 -4.33 16.35 -25.21
C LEU A 24 -5.60 17.13 -24.88
N ALA A 25 -6.02 18.07 -25.73
CA ALA A 25 -7.18 18.90 -25.40
C ALA A 25 -8.45 18.06 -25.27
N ASP A 26 -8.62 17.09 -26.15
CA ASP A 26 -9.75 16.17 -26.06
C ASP A 26 -9.67 15.38 -24.76
N PRO A 27 -10.72 15.40 -23.93
CA PRO A 27 -10.70 14.57 -22.72
C PRO A 27 -10.50 13.09 -23.01
N HIS A 28 -10.93 12.62 -24.17
CA HIS A 28 -10.78 11.23 -24.58
C HIS A 28 -9.70 11.09 -25.64
N PHE A 29 -8.60 11.82 -25.43
CA PHE A 29 -7.38 11.62 -26.18
C PHE A 29 -7.03 10.13 -26.18
N PRO A 30 -6.73 9.54 -27.34
CA PRO A 30 -6.63 8.08 -27.43
C PRO A 30 -5.34 7.47 -26.90
N ALA A 31 -4.43 8.25 -26.30
CA ALA A 31 -3.22 7.69 -25.66
C ALA A 31 -2.33 6.95 -26.66
N LEU A 32 -2.32 7.45 -27.90
CA LEU A 32 -1.43 6.98 -28.93
C LEU A 32 -1.09 8.18 -29.80
N LEU A 33 0.01 8.09 -30.53
CA LEU A 33 0.43 9.17 -31.41
C LEU A 33 0.54 8.63 -32.83
N GLU A 34 -0.09 9.32 -33.78
CA GLU A 34 0.13 8.99 -35.18
C GLU A 34 1.56 9.33 -35.55
N ALA A 35 2.05 8.72 -36.64
CA ALA A 35 3.42 8.99 -37.07
C ALA A 35 3.64 10.47 -37.32
N ASP A 36 2.64 11.16 -37.87
CA ASP A 36 2.75 12.58 -38.13
C ASP A 36 2.79 13.37 -36.83
N GLN A 37 2.14 12.87 -35.78
CA GLN A 37 2.20 13.54 -34.49
C GLN A 37 3.55 13.33 -33.82
N VAL A 38 4.14 12.14 -33.96
CA VAL A 38 5.51 11.94 -33.48
C VAL A 38 6.45 12.94 -34.15
N ALA A 39 6.31 13.13 -35.47
CA ALA A 39 7.17 14.08 -36.18
C ALA A 39 6.94 15.51 -35.70
N THR A 40 5.69 15.86 -35.40
CA THR A 40 5.39 17.20 -34.92
C THR A 40 6.03 17.45 -33.57
N LEU A 41 5.98 16.47 -32.67
CA LEU A 41 6.62 16.64 -31.38
C LEU A 41 8.14 16.71 -31.51
N GLN A 42 8.73 15.89 -32.38
CA GLN A 42 10.18 15.96 -32.58
C GLN A 42 10.60 17.33 -33.09
N HIS A 43 9.86 17.87 -34.04
CA HIS A 43 10.14 19.21 -34.55
C HIS A 43 10.03 20.27 -33.47
N ALA A 44 9.01 20.17 -32.62
CA ALA A 44 8.72 21.20 -31.62
C ALA A 44 9.60 21.08 -30.38
N THR A 45 10.35 19.98 -30.24
CA THR A 45 11.26 19.78 -29.12
C THR A 45 12.72 19.58 -29.52
N GLY A 46 13.00 19.19 -30.76
CA GLY A 46 14.35 18.82 -31.16
C GLY A 46 14.82 17.47 -30.65
N LEU A 47 13.99 16.71 -29.95
CA LEU A 47 14.44 15.43 -29.41
C LEU A 47 14.48 14.37 -30.50
N ASP A 48 15.50 13.50 -30.45
CA ASP A 48 15.42 12.32 -31.30
C ASP A 48 14.37 11.36 -30.72
N GLU A 49 14.12 10.27 -31.46
CA GLU A 49 12.98 9.41 -31.13
C GLU A 49 13.12 8.79 -29.74
N ASP A 50 14.30 8.23 -29.42
CA ASP A 50 14.46 7.59 -28.11
C ASP A 50 14.20 8.57 -26.97
N ALA A 51 14.75 9.79 -27.08
CA ALA A 51 14.61 10.76 -26.00
C ALA A 51 13.17 11.25 -25.86
N LEU A 52 12.48 11.40 -27.00
CA LEU A 52 11.08 11.81 -26.93
C LEU A 52 10.23 10.73 -26.27
N ALA A 53 10.51 9.46 -26.59
CA ALA A 53 9.78 8.36 -25.94
C ALA A 53 9.99 8.40 -24.43
N PHE A 54 11.24 8.55 -23.98
CA PHE A 54 11.50 8.68 -22.55
C PHE A 54 10.74 9.87 -21.97
N ALA A 55 10.74 11.00 -22.67
CA ALA A 55 10.13 12.20 -22.12
C ALA A 55 8.61 12.07 -22.01
N LEU A 56 8.01 11.19 -22.82
CA LEU A 56 6.56 10.98 -22.80
C LEU A 56 6.11 10.00 -21.73
N LEU A 57 7.03 9.21 -21.17
CA LEU A 57 6.65 8.18 -20.20
C LEU A 57 5.77 8.68 -19.05
N PRO A 58 5.98 9.88 -18.47
CA PRO A 58 5.06 10.32 -17.40
C PRO A 58 3.63 10.46 -17.85
N LEU A 59 3.37 10.74 -19.14
CA LEU A 59 1.98 10.82 -19.61
C LEU A 59 1.36 9.43 -19.74
N ALA A 60 2.17 8.44 -20.16
CA ALA A 60 1.68 7.07 -20.17
C ALA A 60 1.40 6.61 -18.75
N ALA A 61 2.33 6.85 -17.83
CA ALA A 61 2.13 6.44 -16.43
C ALA A 61 0.90 7.11 -15.83
N ALA A 62 0.60 8.34 -16.26
CA ALA A 62 -0.59 9.03 -15.78
C ALA A 62 -1.89 8.37 -16.27
N CYS A 63 -1.81 7.51 -17.31
CA CYS A 63 -2.99 6.74 -17.73
C CYS A 63 -3.22 5.50 -16.89
N ALA A 64 -2.27 5.13 -16.05
CA ALA A 64 -2.35 3.86 -15.33
C ALA A 64 -3.44 3.90 -14.26
N ARG A 65 -3.89 2.71 -13.84
CA ARG A 65 -4.87 2.55 -12.76
C ARG A 65 -4.33 1.59 -11.70
N PRO A 66 -3.27 1.99 -10.99
CA PRO A 66 -2.74 1.14 -9.90
C PRO A 66 -3.55 1.29 -8.62
N ASP A 67 -4.81 0.83 -8.67
CA ASP A 67 -5.74 1.08 -7.56
C ASP A 67 -5.30 0.42 -6.27
N LEU A 68 -4.51 -0.67 -6.34
CA LEU A 68 -4.01 -1.28 -5.12
C LEU A 68 -2.73 -0.60 -4.63
N SER A 69 -1.69 -0.58 -5.46
CA SER A 69 -0.36 -0.16 -5.00
C SER A 69 -0.14 1.34 -5.02
N HIS A 70 -0.92 2.08 -5.83
CA HIS A 70 -0.70 3.52 -6.09
C HIS A 70 0.62 3.77 -6.80
N PHE A 71 1.24 2.76 -7.38
CA PHE A 71 2.53 2.91 -8.06
C PHE A 71 2.29 2.92 -9.56
N ASN A 72 2.23 4.12 -10.15
CA ASN A 72 1.97 4.25 -11.58
C ASN A 72 3.18 3.81 -12.38
N VAL A 73 2.96 2.99 -13.41
CA VAL A 73 4.01 2.56 -14.33
C VAL A 73 3.54 2.85 -15.75
N GLY A 74 4.44 3.38 -16.56
CA GLY A 74 4.07 3.69 -17.92
C GLY A 74 4.94 2.98 -18.91
N ALA A 75 4.51 2.91 -20.17
CA ALA A 75 5.31 2.27 -21.21
C ALA A 75 4.87 2.81 -22.55
N ILE A 76 5.79 2.81 -23.50
CA ILE A 76 5.48 3.25 -24.86
C ILE A 76 5.97 2.19 -25.83
N ALA A 77 5.04 1.62 -26.60
CA ALA A 77 5.34 0.64 -27.63
C ALA A 77 5.39 1.33 -28.99
N ARG A 78 6.49 1.13 -29.71
CA ARG A 78 6.73 1.87 -30.94
C ARG A 78 6.48 0.93 -32.12
N GLY A 79 5.41 1.19 -32.89
CA GLY A 79 5.01 0.31 -33.97
C GLY A 79 5.90 0.49 -35.20
N VAL A 80 5.96 -0.56 -36.03
CA VAL A 80 6.70 -0.41 -37.27
C VAL A 80 6.02 0.58 -38.19
N SER A 81 4.72 0.83 -37.99
CA SER A 81 4.02 1.85 -38.76
C SER A 81 4.50 3.27 -38.45
N GLY A 82 5.24 3.45 -37.36
CA GLY A 82 5.57 4.79 -36.89
C GLY A 82 4.64 5.36 -35.86
N ARG A 83 3.53 4.68 -35.57
CA ARG A 83 2.66 5.06 -34.46
C ARG A 83 3.25 4.54 -33.15
N TRP A 84 3.04 5.31 -32.08
CA TRP A 84 3.45 4.97 -30.72
C TRP A 84 2.22 4.81 -29.86
N TYR A 85 2.24 3.83 -28.96
CA TYR A 85 1.07 3.54 -28.14
C TYR A 85 1.45 3.56 -26.66
N PHE A 86 0.72 4.33 -25.87
CA PHE A 86 0.90 4.36 -24.42
C PHE A 86 0.35 3.10 -23.76
N GLY A 87 0.97 2.71 -22.66
CA GLY A 87 0.37 1.73 -21.77
C GLY A 87 0.57 2.15 -20.33
N GLY A 88 -0.33 1.71 -19.47
CA GLY A 88 -0.18 1.92 -18.03
C GLY A 88 -0.63 0.68 -17.30
N ASN A 89 -0.05 0.45 -16.12
CA ASN A 89 -0.45 -0.74 -15.37
C ASN A 89 -1.87 -0.57 -14.83
N MET A 90 -2.55 -1.70 -14.61
CA MET A 90 -3.91 -1.71 -14.09
C MET A 90 -4.02 -2.77 -13.01
N GLU A 91 -4.60 -2.39 -11.87
CA GLU A 91 -4.88 -3.28 -10.75
C GLU A 91 -6.34 -3.08 -10.38
N PHE A 92 -7.01 -4.14 -9.93
CA PHE A 92 -8.46 -4.13 -9.75
C PHE A 92 -8.81 -4.54 -8.33
N LEU A 93 -9.15 -3.55 -7.50
CA LEU A 93 -9.54 -3.80 -6.12
C LEU A 93 -10.78 -4.69 -6.10
N GLY A 94 -10.81 -5.62 -5.16
CA GLY A 94 -11.90 -6.58 -5.10
C GLY A 94 -11.74 -7.76 -6.03
N ALA A 95 -10.74 -7.75 -6.92
CA ALA A 95 -10.42 -8.92 -7.73
C ALA A 95 -9.16 -9.58 -7.20
N THR A 96 -8.30 -10.10 -8.08
CA THR A 96 -7.11 -10.84 -7.67
C THR A 96 -5.88 -10.33 -8.40
N MET A 97 -4.72 -10.78 -7.90
CA MET A 97 -3.43 -10.49 -8.55
C MET A 97 -3.40 -10.99 -9.99
N GLN A 98 -4.14 -12.04 -10.30
CA GLN A 98 -4.13 -12.61 -11.65
C GLN A 98 -4.81 -11.73 -12.69
N GLN A 99 -5.71 -10.83 -12.26
CA GLN A 99 -6.37 -9.89 -13.16
C GLN A 99 -5.52 -8.65 -13.46
N THR A 100 -4.36 -8.47 -12.83
CA THR A 100 -3.59 -7.23 -13.04
C THR A 100 -2.95 -7.20 -14.44
N VAL A 101 -2.71 -5.98 -14.92
CA VAL A 101 -2.13 -5.74 -16.24
C VAL A 101 -0.88 -4.91 -16.06
N HIS A 102 0.26 -5.42 -16.53
CA HIS A 102 1.48 -4.63 -16.48
C HIS A 102 1.48 -3.59 -17.59
N ALA A 103 2.23 -2.51 -17.36
CA ALA A 103 2.32 -1.43 -18.33
C ALA A 103 2.78 -1.96 -19.69
N GLU A 104 3.74 -2.90 -19.69
CA GLU A 104 4.21 -3.46 -20.96
C GLU A 104 3.12 -4.25 -21.67
N GLN A 105 2.39 -5.10 -20.94
CA GLN A 105 1.21 -5.74 -21.52
C GLN A 105 0.19 -4.71 -22.03
N SER A 106 0.03 -3.61 -21.28
CA SER A 106 -0.94 -2.60 -21.69
C SER A 106 -0.55 -1.93 -23.00
N ALA A 107 0.72 -1.49 -23.11
CA ALA A 107 1.18 -0.83 -24.33
C ALA A 107 1.18 -1.78 -25.52
N ILE A 108 1.58 -3.04 -25.29
CA ILE A 108 1.70 -3.98 -26.40
C ILE A 108 0.32 -4.35 -26.93
N SER A 109 -0.60 -4.71 -26.05
CA SER A 109 -1.95 -5.02 -26.51
C SER A 109 -2.64 -3.79 -27.09
N HIS A 110 -2.33 -2.59 -26.57
CA HIS A 110 -2.85 -1.36 -27.19
C HIS A 110 -2.47 -1.31 -28.68
N ALA A 111 -1.18 -1.47 -28.99
CA ALA A 111 -0.73 -1.49 -30.38
C ALA A 111 -1.43 -2.58 -31.18
N TRP A 112 -1.46 -3.80 -30.64
CA TRP A 112 -2.03 -4.94 -31.36
C TRP A 112 -3.52 -4.75 -31.63
N LEU A 113 -4.27 -4.32 -30.62
CA LEU A 113 -5.72 -4.14 -30.78
C LEU A 113 -6.07 -2.96 -31.68
N ARG A 114 -5.14 -2.04 -31.90
CA ARG A 114 -5.30 -0.98 -32.88
C ARG A 114 -4.77 -1.38 -34.25
N GLY A 115 -4.37 -2.64 -34.43
CA GLY A 115 -4.01 -3.13 -35.75
C GLY A 115 -2.56 -3.01 -36.12
N GLU A 116 -1.69 -2.61 -35.20
CA GLU A 116 -0.27 -2.55 -35.51
C GLU A 116 0.23 -3.96 -35.84
N THR A 117 1.07 -4.07 -36.87
CA THR A 117 1.42 -5.42 -37.32
C THR A 117 2.58 -6.02 -36.55
N SER A 118 3.47 -5.19 -36.00
CA SER A 118 4.56 -5.63 -35.15
C SER A 118 5.20 -4.40 -34.52
N LEU A 119 6.04 -4.62 -33.52
CA LEU A 119 6.70 -3.54 -32.80
C LEU A 119 8.19 -3.51 -33.11
N ARG A 120 8.74 -2.31 -33.23
CA ARG A 120 10.19 -2.21 -33.35
C ARG A 120 10.88 -2.03 -32.01
N ALA A 121 10.19 -1.44 -31.03
CA ALA A 121 10.83 -1.19 -29.75
C ALA A 121 9.77 -0.95 -28.70
N ILE A 122 10.18 -1.02 -27.44
CA ILE A 122 9.35 -0.59 -26.31
C ILE A 122 10.22 0.21 -25.36
N THR A 123 9.66 1.29 -24.81
CA THR A 123 10.35 2.18 -23.88
C THR A 123 9.67 2.12 -22.52
N VAL A 124 10.45 1.89 -21.46
CA VAL A 124 9.93 1.84 -20.10
C VAL A 124 10.94 2.52 -19.18
N ASN A 125 10.50 2.76 -17.93
CA ASN A 125 11.34 3.32 -16.88
C ASN A 125 12.11 2.27 -16.10
N TYR A 126 11.50 1.11 -15.85
CA TYR A 126 12.12 0.03 -15.07
C TYR A 126 12.21 -1.22 -15.93
N THR A 127 13.27 -2.00 -15.70
CA THR A 127 13.48 -3.24 -16.43
C THR A 127 12.22 -4.11 -16.32
N PRO A 128 11.66 -4.54 -17.44
CA PRO A 128 10.48 -5.41 -17.38
C PRO A 128 10.74 -6.64 -16.51
N CYS A 129 9.73 -7.01 -15.74
CA CYS A 129 9.84 -8.18 -14.89
C CYS A 129 9.82 -9.46 -15.73
N GLY A 130 10.03 -10.60 -15.06
CA GLY A 130 10.09 -11.87 -15.77
C GLY A 130 8.79 -12.24 -16.46
N HIS A 131 7.65 -11.84 -15.87
CA HIS A 131 6.34 -12.08 -16.47
C HIS A 131 6.20 -11.30 -17.77
N CYS A 132 6.71 -10.06 -17.80
CA CYS A 132 6.67 -9.27 -19.01
C CYS A 132 7.70 -9.74 -20.05
N ARG A 133 8.90 -10.12 -19.62
CA ARG A 133 9.86 -10.71 -20.56
C ARG A 133 9.25 -11.92 -21.27
N GLN A 134 8.60 -12.81 -20.51
CA GLN A 134 7.93 -13.97 -21.10
C GLN A 134 6.79 -13.53 -22.03
N PHE A 135 5.99 -12.53 -21.62
CA PHE A 135 4.94 -12.00 -22.48
C PHE A 135 5.48 -11.51 -23.82
N MET A 136 6.56 -10.74 -23.79
CA MET A 136 7.13 -10.19 -25.02
C MET A 136 7.69 -11.26 -25.94
N ASN A 137 8.20 -12.37 -25.39
CA ASN A 137 8.73 -13.43 -26.24
C ASN A 137 7.64 -14.19 -27.00
N GLU A 138 6.36 -13.84 -26.81
CA GLU A 138 5.30 -14.39 -27.63
C GLU A 138 5.16 -13.68 -28.97
N LEU A 139 5.68 -12.46 -29.07
CA LEU A 139 5.40 -11.59 -30.19
C LEU A 139 6.20 -12.00 -31.42
N ASN A 140 5.69 -11.60 -32.60
CA ASN A 140 6.43 -11.88 -33.83
C ASN A 140 7.78 -11.18 -33.87
N SER A 141 8.02 -10.19 -33.00
CA SER A 141 9.35 -9.58 -32.92
C SER A 141 10.35 -10.48 -32.20
N GLY A 142 9.88 -11.46 -31.42
CA GLY A 142 10.70 -12.42 -30.72
C GLY A 142 11.75 -11.78 -29.82
N LEU A 143 12.91 -12.42 -29.77
CA LEU A 143 13.99 -11.98 -28.90
C LEU A 143 14.71 -10.75 -29.42
N ALA A 144 14.39 -10.30 -30.64
CA ALA A 144 15.05 -9.12 -31.23
C ALA A 144 14.44 -7.79 -30.78
N LEU A 145 13.27 -7.79 -30.15
CA LEU A 145 12.60 -6.55 -29.77
C LEU A 145 13.52 -5.65 -28.93
N ARG A 146 13.64 -4.38 -29.35
CA ARG A 146 14.53 -3.45 -28.66
C ARG A 146 13.87 -2.93 -27.38
N ILE A 147 14.59 -3.00 -26.27
CA ILE A 147 14.06 -2.55 -24.99
C ILE A 147 14.89 -1.35 -24.55
N HIS A 148 14.21 -0.23 -24.37
CA HIS A 148 14.84 1.06 -24.11
C HIS A 148 14.58 1.46 -22.67
N LEU A 149 15.65 1.77 -21.94
CA LEU A 149 15.61 2.07 -20.53
C LEU A 149 16.46 3.31 -20.25
N PRO A 150 16.01 4.18 -19.35
CA PRO A 150 16.70 5.47 -19.19
C PRO A 150 18.10 5.28 -18.62
N GLY A 151 19.05 6.04 -19.18
CA GLY A 151 20.41 6.01 -18.70
C GLY A 151 21.15 4.70 -18.92
N ARG A 152 20.65 3.82 -19.78
CA ARG A 152 21.34 2.59 -20.10
C ARG A 152 21.30 2.41 -21.61
N GLU A 153 22.18 1.55 -22.11
CA GLU A 153 22.16 1.18 -23.52
C GLU A 153 20.91 0.36 -23.84
N ALA A 154 20.36 0.58 -25.03
CA ALA A 154 19.29 -0.28 -25.50
C ALA A 154 19.81 -1.70 -25.69
N HIS A 155 18.96 -2.68 -25.40
CA HIS A 155 19.30 -4.09 -25.63
C HIS A 155 18.08 -4.81 -26.17
N ALA A 156 18.35 -5.89 -26.90
CA ALA A 156 17.29 -6.78 -27.33
C ALA A 156 16.70 -7.54 -26.15
N LEU A 157 15.47 -8.01 -26.32
CA LEU A 157 14.86 -8.87 -25.32
C LEU A 157 15.75 -10.07 -24.98
N GLU A 158 16.49 -10.59 -25.96
CA GLU A 158 17.43 -11.70 -25.72
C GLU A 158 18.34 -11.41 -24.52
N HIS A 159 18.80 -10.17 -24.41
CA HIS A 159 19.69 -9.77 -23.32
C HIS A 159 19.05 -10.01 -21.95
N TYR A 160 17.75 -9.80 -21.82
CA TYR A 160 17.06 -9.91 -20.55
C TYR A 160 16.46 -11.29 -20.31
N LEU A 161 16.39 -12.13 -21.33
CA LEU A 161 15.79 -13.45 -21.22
C LEU A 161 16.75 -14.48 -21.80
N PRO A 162 17.83 -14.80 -21.07
CA PRO A 162 18.74 -15.86 -21.53
C PRO A 162 18.00 -17.19 -21.56
N ASP A 163 18.41 -18.06 -22.48
CA ASP A 163 17.88 -19.43 -22.58
C ASP A 163 16.36 -19.42 -22.58
N ALA A 164 15.82 -18.64 -23.51
CA ALA A 164 14.40 -18.29 -23.47
C ALA A 164 13.53 -19.46 -23.90
N PHE A 165 12.30 -19.45 -23.42
CA PHE A 165 11.25 -20.35 -23.85
C PHE A 165 10.17 -19.54 -24.53
N GLY A 166 9.67 -20.04 -25.65
CA GLY A 166 8.62 -19.35 -26.37
C GLY A 166 7.89 -20.23 -27.36
N PRO A 167 7.01 -19.63 -28.18
CA PRO A 167 6.20 -20.43 -29.12
C PRO A 167 7.01 -21.34 -30.04
N LYS A 168 8.19 -20.91 -30.48
CA LYS A 168 8.98 -21.73 -31.41
C LYS A 168 9.38 -23.04 -30.79
N ASP A 169 9.67 -23.05 -29.48
CA ASP A 169 9.96 -24.30 -28.81
C ASP A 169 8.77 -25.24 -28.77
N LEU A 170 7.58 -24.75 -29.08
CA LEU A 170 6.41 -25.58 -29.19
C LEU A 170 6.02 -25.83 -30.64
N GLU A 171 6.88 -25.43 -31.58
CA GLU A 171 6.67 -25.53 -33.01
C GLU A 171 5.45 -24.73 -33.48
N ILE A 172 5.07 -23.71 -32.70
CA ILE A 172 4.10 -22.71 -33.13
C ILE A 172 4.75 -21.79 -34.14
N LYS A 173 4.10 -21.56 -35.26
CA LYS A 173 4.68 -20.70 -36.27
C LYS A 173 3.94 -19.39 -36.49
N THR A 174 2.72 -19.26 -35.96
CA THR A 174 1.97 -18.01 -36.03
C THR A 174 2.07 -17.34 -34.66
N LEU A 175 2.78 -16.22 -34.60
CA LEU A 175 3.14 -15.58 -33.35
C LEU A 175 2.20 -14.42 -33.05
N LEU A 176 2.19 -13.97 -31.78
CA LEU A 176 1.29 -12.90 -31.40
C LEU A 176 1.62 -11.65 -32.21
N MET A 177 0.58 -11.06 -32.82
CA MET A 177 0.56 -9.91 -33.72
C MET A 177 0.69 -10.30 -35.19
N ASP A 178 0.99 -11.56 -35.50
CA ASP A 178 0.87 -12.03 -36.88
C ASP A 178 -0.62 -12.03 -37.25
N GLU A 179 -0.90 -11.89 -38.54
CA GLU A 179 -2.29 -11.87 -38.98
C GLU A 179 -2.98 -13.19 -38.67
N GLN A 180 -4.14 -13.12 -38.01
CA GLN A 180 -4.91 -14.31 -37.67
C GLN A 180 -6.39 -14.04 -37.93
N ASP A 181 -7.09 -15.05 -38.40
CA ASP A 181 -8.52 -14.96 -38.65
C ASP A 181 -9.08 -16.37 -38.47
N HIS A 182 -9.84 -16.60 -37.41
CA HIS A 182 -10.32 -17.95 -37.15
C HIS A 182 -11.62 -18.26 -37.87
N GLY A 183 -12.22 -17.29 -38.57
CA GLY A 183 -13.28 -17.56 -39.52
C GLY A 183 -14.67 -17.75 -38.96
N PHE A 184 -14.90 -17.46 -37.68
CA PHE A 184 -16.26 -17.49 -37.16
C PHE A 184 -17.11 -16.44 -37.87
N PRO A 185 -18.36 -16.76 -38.23
CA PRO A 185 -19.17 -15.80 -38.99
C PRO A 185 -19.54 -14.56 -38.17
N VAL A 186 -19.36 -13.39 -38.75
CA VAL A 186 -19.66 -12.12 -38.11
C VAL A 186 -21.06 -11.68 -38.51
N SER A 187 -21.91 -11.39 -37.53
CA SER A 187 -23.27 -10.93 -37.79
C SER A 187 -23.76 -10.18 -36.56
N GLY A 188 -24.95 -9.59 -36.66
CA GLY A 188 -25.58 -8.90 -35.55
C GLY A 188 -25.34 -7.39 -35.58
N ASP A 189 -25.58 -6.76 -34.44
CA ASP A 189 -25.40 -5.30 -34.35
C ASP A 189 -23.92 -4.94 -34.14
N ALA A 190 -23.64 -3.64 -34.00
CA ALA A 190 -22.25 -3.18 -33.97
C ALA A 190 -21.45 -3.82 -32.83
N LEU A 191 -22.05 -3.94 -31.65
CA LEU A 191 -21.31 -4.52 -30.51
C LEU A 191 -21.09 -6.02 -30.69
N THR A 192 -22.08 -6.73 -31.24
CA THR A 192 -21.92 -8.16 -31.48
C THR A 192 -20.86 -8.42 -32.55
N GLN A 193 -20.90 -7.67 -33.64
CA GLN A 193 -19.83 -7.77 -34.64
C GLN A 193 -18.46 -7.56 -34.01
N ALA A 194 -18.34 -6.54 -33.14
CA ALA A 194 -17.05 -6.20 -32.56
C ALA A 194 -16.52 -7.36 -31.72
N ALA A 195 -17.38 -7.94 -30.89
CA ALA A 195 -16.95 -9.06 -30.05
C ALA A 195 -16.52 -10.26 -30.89
N ILE A 196 -17.25 -10.55 -31.97
CA ILE A 196 -16.90 -11.71 -32.79
C ILE A 196 -15.60 -11.45 -33.55
N GLN A 197 -15.43 -10.23 -34.06
CA GLN A 197 -14.20 -9.89 -34.77
C GLN A 197 -13.00 -9.93 -33.84
N ALA A 198 -13.19 -9.48 -32.59
CA ALA A 198 -12.13 -9.59 -31.59
C ALA A 198 -11.74 -11.05 -31.34
N ALA A 199 -12.73 -11.94 -31.25
CA ALA A 199 -12.41 -13.35 -31.09
C ALA A 199 -11.73 -13.91 -32.33
N ASN A 200 -12.12 -13.43 -33.52
CA ASN A 200 -11.56 -13.96 -34.77
C ASN A 200 -10.07 -13.63 -34.92
N ARG A 201 -9.58 -12.55 -34.33
CA ARG A 201 -8.16 -12.22 -34.45
C ARG A 201 -7.38 -12.53 -33.17
N CYS A 202 -7.97 -13.30 -32.26
CA CYS A 202 -7.29 -13.62 -31.02
C CYS A 202 -6.16 -14.61 -31.26
N HIS A 203 -5.32 -14.79 -30.24
CA HIS A 203 -4.14 -15.64 -30.30
C HIS A 203 -4.34 -16.74 -29.27
N ALA A 204 -4.66 -17.95 -29.73
CA ALA A 204 -4.87 -19.03 -28.76
C ALA A 204 -4.43 -20.39 -29.31
N PRO A 205 -3.16 -20.55 -29.68
CA PRO A 205 -2.71 -21.83 -30.24
C PRO A 205 -2.49 -22.93 -29.20
N TYR A 206 -2.55 -22.63 -27.91
CA TYR A 206 -2.29 -23.65 -26.91
C TYR A 206 -3.56 -24.32 -26.43
N SER A 207 -4.65 -23.57 -26.25
CA SER A 207 -5.91 -24.17 -25.86
C SER A 207 -6.94 -24.20 -26.98
N HIS A 208 -6.69 -23.50 -28.08
CA HIS A 208 -7.66 -23.40 -29.18
C HIS A 208 -9.03 -22.92 -28.68
N SER A 209 -9.03 -22.09 -27.64
CA SER A 209 -10.25 -21.49 -27.09
C SER A 209 -10.35 -20.03 -27.50
N PRO A 210 -11.05 -19.71 -28.58
CA PRO A 210 -11.11 -18.31 -29.04
C PRO A 210 -12.03 -17.49 -28.16
N SER A 211 -11.63 -16.24 -27.90
CA SER A 211 -12.54 -15.40 -27.13
C SER A 211 -12.24 -13.93 -27.37
N GLY A 212 -13.27 -13.12 -27.19
CA GLY A 212 -13.20 -11.69 -27.40
C GLY A 212 -14.23 -11.00 -26.53
N VAL A 213 -13.92 -9.79 -26.12
CA VAL A 213 -14.83 -8.98 -25.31
C VAL A 213 -15.03 -7.65 -26.00
N ALA A 214 -16.27 -7.17 -26.06
CA ALA A 214 -16.56 -5.83 -26.57
C ALA A 214 -17.41 -5.08 -25.56
N LEU A 215 -17.06 -3.81 -25.32
CA LEU A 215 -17.77 -2.96 -24.38
C LEU A 215 -18.38 -1.78 -25.14
N GLU A 216 -19.65 -1.48 -24.86
CA GLU A 216 -20.31 -0.32 -25.45
C GLU A 216 -20.54 0.69 -24.34
N LEU A 217 -20.07 1.92 -24.54
CA LEU A 217 -20.08 2.93 -23.51
C LEU A 217 -21.31 3.83 -23.65
N LYS A 218 -21.53 4.64 -22.60
CA LYS A 218 -22.71 5.50 -22.55
C LYS A 218 -22.75 6.48 -23.72
N ASP A 219 -21.59 6.92 -24.21
CA ASP A 219 -21.56 7.84 -25.34
C ASP A 219 -21.56 7.11 -26.69
N GLY A 220 -21.75 5.79 -26.68
CA GLY A 220 -21.82 5.01 -27.90
C GLY A 220 -20.52 4.37 -28.36
N THR A 221 -19.38 4.73 -27.76
CA THR A 221 -18.12 4.17 -28.22
CA THR A 221 -18.11 4.18 -28.18
C THR A 221 -18.01 2.68 -27.86
N ILE A 222 -17.35 1.93 -28.73
CA ILE A 222 -17.11 0.51 -28.52
C ILE A 222 -15.60 0.28 -28.42
N PHE A 223 -15.17 -0.41 -27.37
CA PHE A 223 -13.80 -0.89 -27.26
C PHE A 223 -13.82 -2.39 -27.11
N SER A 224 -12.89 -3.07 -27.76
CA SER A 224 -12.89 -4.51 -27.69
C SER A 224 -11.50 -5.02 -27.33
N GLY A 225 -11.47 -6.23 -26.79
CA GLY A 225 -10.22 -6.89 -26.48
C GLY A 225 -10.23 -8.31 -27.02
N SER A 226 -9.08 -8.71 -27.56
CA SER A 226 -8.89 -10.09 -28.02
C SER A 226 -8.01 -10.87 -27.06
N TYR A 227 -8.39 -12.12 -26.84
CA TYR A 227 -7.64 -13.07 -26.01
C TYR A 227 -6.24 -13.27 -26.56
N ALA A 228 -5.24 -13.25 -25.68
CA ALA A 228 -3.85 -13.40 -26.12
C ALA A 228 -3.15 -14.41 -25.22
N GLU A 229 -3.01 -15.64 -25.70
CA GLU A 229 -2.34 -16.68 -24.94
C GLU A 229 -0.82 -16.49 -24.97
N ASN A 230 -0.16 -17.20 -24.08
CA ASN A 230 1.29 -17.13 -23.94
C ASN A 230 1.81 -18.56 -23.81
N ALA A 231 2.96 -18.82 -24.44
CA ALA A 231 3.56 -20.15 -24.38
C ALA A 231 3.77 -20.62 -22.94
N ALA A 232 4.05 -19.70 -22.02
CA ALA A 232 4.20 -20.07 -20.61
C ALA A 232 2.89 -20.04 -19.85
N PHE A 233 1.77 -19.80 -20.53
N PHE A 233 1.77 -19.80 -20.53
CA PHE A 233 0.40 -19.94 -20.02
CA PHE A 233 0.40 -19.94 -20.02
C PHE A 233 -0.02 -18.78 -19.13
N ASN A 234 0.55 -18.68 -17.93
CA ASN A 234 0.09 -17.65 -16.98
C ASN A 234 0.18 -16.22 -17.49
N PRO A 235 1.19 -15.80 -18.27
CA PRO A 235 1.20 -14.41 -18.75
C PRO A 235 0.15 -14.11 -19.83
N THR A 236 -0.69 -15.08 -20.20
CA THR A 236 -1.84 -14.86 -21.07
C THR A 236 -2.66 -13.65 -20.63
N LEU A 237 -3.07 -12.83 -21.61
CA LEU A 237 -3.92 -11.66 -21.33
C LEU A 237 -5.36 -12.00 -21.68
N PRO A 238 -6.29 -12.01 -20.72
CA PRO A 238 -7.69 -12.35 -21.03
C PRO A 238 -8.32 -11.27 -21.89
N PRO A 239 -9.43 -11.59 -22.59
CA PRO A 239 -10.03 -10.59 -23.48
C PRO A 239 -10.61 -9.40 -22.76
N LEU A 240 -11.19 -9.60 -21.56
CA LEU A 240 -11.73 -8.48 -20.81
C LEU A 240 -10.64 -7.43 -20.57
N GLN A 241 -9.46 -7.86 -20.13
CA GLN A 241 -8.38 -6.92 -19.82
C GLN A 241 -8.01 -6.07 -21.02
N GLY A 242 -8.06 -6.64 -22.22
CA GLY A 242 -7.74 -5.85 -23.39
C GLY A 242 -8.75 -4.73 -23.61
N ALA A 243 -10.03 -5.03 -23.37
CA ALA A 243 -11.07 -4.03 -23.56
C ALA A 243 -11.02 -2.97 -22.47
N LEU A 244 -10.83 -3.38 -21.21
CA LEU A 244 -10.73 -2.43 -20.10
C LEU A 244 -9.50 -1.53 -20.26
N ASN A 245 -8.39 -2.12 -20.73
CA ASN A 245 -7.19 -1.35 -21.05
C ASN A 245 -7.50 -0.21 -22.01
N LEU A 246 -8.15 -0.52 -23.14
CA LEU A 246 -8.46 0.52 -24.11
C LEU A 246 -9.40 1.57 -23.52
N LEU A 247 -10.45 1.12 -22.81
CA LEU A 247 -11.41 2.03 -22.18
C LEU A 247 -10.68 3.04 -21.28
N SER A 248 -9.81 2.54 -20.41
CA SER A 248 -9.11 3.41 -19.47
C SER A 248 -8.08 4.28 -20.18
N LEU A 249 -7.33 3.70 -21.11
CA LEU A 249 -6.35 4.50 -21.85
C LEU A 249 -7.02 5.65 -22.60
N ASN A 250 -8.29 5.48 -22.97
CA ASN A 250 -9.01 6.49 -23.71
C ASN A 250 -9.75 7.47 -22.80
N GLY A 251 -9.46 7.45 -21.50
CA GLY A 251 -9.95 8.46 -20.60
C GLY A 251 -11.29 8.18 -19.98
N TYR A 252 -11.80 6.96 -20.10
CA TYR A 252 -13.08 6.60 -19.51
C TYR A 252 -12.86 5.91 -18.17
N ASP A 253 -13.93 5.90 -17.37
CA ASP A 253 -13.97 5.12 -16.14
C ASP A 253 -14.98 3.99 -16.32
N TYR A 254 -14.89 3.00 -15.44
CA TYR A 254 -15.72 1.80 -15.59
C TYR A 254 -17.23 2.05 -15.55
N PRO A 255 -17.76 3.06 -14.83
CA PRO A 255 -19.22 3.31 -14.94
C PRO A 255 -19.67 3.72 -16.33
N ALA A 256 -18.77 4.12 -17.21
CA ALA A 256 -19.16 4.44 -18.58
C ALA A 256 -19.68 3.23 -19.35
N ILE A 257 -19.46 2.00 -18.87
CA ILE A 257 -19.89 0.81 -19.61
C ILE A 257 -21.41 0.71 -19.59
N GLN A 258 -22.01 0.68 -20.78
CA GLN A 258 -23.45 0.51 -20.89
C GLN A 258 -23.85 -0.90 -21.33
N ARG A 259 -23.03 -1.57 -22.14
CA ARG A 259 -23.26 -2.95 -22.54
C ARG A 259 -21.92 -3.67 -22.64
N ALA A 260 -21.94 -5.00 -22.43
CA ALA A 260 -20.73 -5.80 -22.44
C ALA A 260 -21.04 -7.20 -22.97
N ILE A 261 -20.23 -7.66 -23.92
CA ILE A 261 -20.44 -8.97 -24.56
C ILE A 261 -19.13 -9.74 -24.54
N LEU A 262 -19.18 -10.99 -24.08
CA LEU A 262 -18.08 -11.95 -24.23
C LEU A 262 -18.46 -12.95 -25.33
N ALA A 263 -17.64 -13.02 -26.37
CA ALA A 263 -17.79 -14.04 -27.40
C ALA A 263 -16.78 -15.14 -27.14
N GLU A 264 -17.28 -16.36 -26.96
CA GLU A 264 -16.41 -17.54 -26.81
C GLU A 264 -17.22 -18.79 -27.11
N LYS A 265 -16.52 -19.93 -27.14
CA LYS A 265 -17.11 -21.24 -27.34
C LYS A 265 -17.49 -21.81 -25.99
N ALA A 266 -18.77 -22.19 -25.83
CA ALA A 266 -19.26 -22.59 -24.50
C ALA A 266 -18.62 -23.86 -23.97
N ASP A 267 -18.02 -24.68 -24.83
CA ASP A 267 -17.39 -25.93 -24.41
C ASP A 267 -15.92 -25.98 -24.80
N ALA A 268 -15.27 -24.83 -24.86
CA ALA A 268 -13.85 -24.79 -25.12
C ALA A 268 -13.07 -25.33 -23.93
N ALA A 269 -11.81 -25.72 -24.18
CA ALA A 269 -10.94 -26.21 -23.11
C ALA A 269 -10.87 -25.24 -21.93
N LEU A 270 -10.71 -23.94 -22.23
CA LEU A 270 -10.61 -22.89 -21.23
C LEU A 270 -11.79 -21.94 -21.39
N ILE A 271 -12.33 -21.45 -20.26
CA ILE A 271 -13.57 -20.66 -20.25
C ILE A 271 -13.29 -19.33 -19.56
N GLN A 272 -13.57 -18.21 -20.25
CA GLN A 272 -13.36 -16.90 -19.68
C GLN A 272 -14.59 -16.35 -18.96
N TRP A 273 -15.74 -17.02 -19.06
CA TRP A 273 -16.99 -16.45 -18.58
C TRP A 273 -16.91 -16.06 -17.11
N ASP A 274 -16.53 -16.99 -16.23
CA ASP A 274 -16.60 -16.73 -14.79
C ASP A 274 -15.69 -15.58 -14.37
N ALA A 275 -14.43 -15.59 -14.84
CA ALA A 275 -13.51 -14.52 -14.48
C ALA A 275 -13.95 -13.18 -15.08
N THR A 276 -14.51 -13.21 -16.30
CA THR A 276 -15.05 -11.99 -16.90
C THR A 276 -16.16 -11.41 -16.03
N VAL A 277 -17.10 -12.27 -15.60
CA VAL A 277 -18.21 -11.81 -14.76
C VAL A 277 -17.69 -11.28 -13.45
N ALA A 278 -16.75 -11.98 -12.83
CA ALA A 278 -16.27 -11.64 -11.50
C ALA A 278 -15.55 -10.30 -11.50
N THR A 279 -14.70 -10.08 -12.52
CA THR A 279 -13.92 -8.85 -12.56
C THR A 279 -14.80 -7.66 -12.90
N LEU A 280 -15.75 -7.82 -13.83
CA LEU A 280 -16.72 -6.75 -14.09
C LEU A 280 -17.55 -6.45 -12.86
N LYS A 281 -17.96 -7.47 -12.10
CA LYS A 281 -18.73 -7.20 -10.89
C LYS A 281 -17.90 -6.43 -9.87
N ALA A 282 -16.62 -6.78 -9.72
CA ALA A 282 -15.70 -6.02 -8.87
C ALA A 282 -15.66 -4.55 -9.25
N LEU A 283 -15.83 -4.25 -10.54
CA LEU A 283 -15.85 -2.88 -11.01
C LEU A 283 -17.24 -2.28 -10.99
N GLY A 284 -18.24 -3.00 -10.48
CA GLY A 284 -19.60 -2.50 -10.44
C GLY A 284 -20.38 -2.64 -11.71
N CYS A 285 -19.90 -3.42 -12.69
CA CYS A 285 -20.65 -3.71 -13.91
C CYS A 285 -21.27 -5.10 -13.78
N HIS A 286 -22.60 -5.15 -13.76
CA HIS A 286 -23.34 -6.40 -13.63
C HIS A 286 -23.96 -6.86 -14.93
N ASN A 287 -23.80 -6.08 -15.99
CA ASN A 287 -24.44 -6.29 -17.27
C ASN A 287 -23.41 -6.90 -18.22
N ILE A 288 -23.40 -8.24 -18.34
CA ILE A 288 -22.49 -8.93 -19.25
C ILE A 288 -23.25 -10.13 -19.82
N GLU A 289 -23.20 -10.29 -21.14
CA GLU A 289 -23.84 -11.42 -21.80
C GLU A 289 -22.88 -12.09 -22.75
N ARG A 290 -23.22 -13.33 -23.10
CA ARG A 290 -22.36 -14.19 -23.90
C ARG A 290 -22.93 -14.30 -25.30
N VAL A 291 -22.05 -14.18 -26.29
CA VAL A 291 -22.35 -14.54 -27.67
C VAL A 291 -21.59 -15.83 -27.97
N LEU A 292 -22.31 -16.85 -28.42
CA LEU A 292 -21.73 -18.17 -28.56
C LEU A 292 -21.09 -18.35 -29.93
N LEU A 293 -19.83 -18.80 -29.93
CA LEU A 293 -19.10 -19.16 -31.14
C LEU A 293 -19.22 -20.66 -31.39
N GLY A 294 -19.41 -21.04 -32.65
CA GLY A 294 -19.47 -22.44 -33.02
C GLY A 294 -20.72 -23.15 -32.54
N SER B 3 0.69 -46.23 -8.09
CA SER B 3 1.11 -46.87 -9.33
C SER B 3 1.05 -45.90 -10.50
N ARG B 4 0.80 -44.62 -10.20
CA ARG B 4 1.03 -43.57 -11.20
C ARG B 4 2.51 -43.44 -11.54
N PHE B 5 3.38 -44.18 -10.86
CA PHE B 5 4.81 -44.20 -11.11
C PHE B 5 5.26 -45.38 -11.95
N GLN B 6 4.36 -46.34 -12.21
CA GLN B 6 4.78 -47.59 -12.86
C GLN B 6 5.51 -47.33 -14.16
N ALA B 7 4.93 -46.50 -15.03
CA ALA B 7 5.54 -46.19 -16.31
C ALA B 7 6.87 -45.48 -16.13
N ALA B 8 6.89 -44.40 -15.34
CA ALA B 8 8.14 -43.67 -15.11
C ALA B 8 9.21 -44.58 -14.52
N LEU B 9 8.80 -45.51 -13.66
CA LEU B 9 9.74 -46.45 -13.05
C LEU B 9 10.49 -47.26 -14.10
N THR B 10 9.80 -47.68 -15.16
CA THR B 10 10.47 -48.43 -16.23
C THR B 10 11.51 -47.61 -16.97
N THR B 11 11.54 -46.29 -16.79
CA THR B 11 12.52 -45.44 -17.46
C THR B 11 13.83 -45.31 -16.69
N LEU B 12 13.90 -45.81 -15.46
CA LEU B 12 15.07 -45.62 -14.63
C LEU B 12 16.08 -46.74 -14.85
N ALA B 13 17.35 -46.44 -14.59
CA ALA B 13 18.37 -47.46 -14.51
C ALA B 13 17.98 -48.52 -13.47
N ALA B 14 18.46 -49.75 -13.69
CA ALA B 14 17.98 -50.88 -12.90
C ALA B 14 18.27 -50.71 -11.42
N ASP B 15 19.49 -50.28 -11.08
CA ASP B 15 19.85 -50.13 -9.67
C ASP B 15 18.97 -49.07 -8.98
N LEU B 16 18.75 -47.94 -9.65
CA LEU B 16 17.89 -46.91 -9.07
C LEU B 16 16.45 -47.40 -8.93
N GLN B 17 15.94 -48.05 -9.98
CA GLN B 17 14.64 -48.70 -9.93
C GLN B 17 14.47 -49.57 -8.70
N ALA B 18 15.43 -50.48 -8.46
CA ALA B 18 15.33 -51.42 -7.35
C ALA B 18 15.46 -50.73 -6.01
N ALA B 19 16.24 -49.64 -5.93
CA ALA B 19 16.41 -48.94 -4.66
C ALA B 19 15.17 -48.12 -4.30
N ILE B 20 14.48 -47.56 -5.29
CA ILE B 20 13.43 -46.59 -5.00
C ILE B 20 12.05 -47.23 -5.01
N ALA B 21 11.84 -48.24 -5.87
CA ALA B 21 10.52 -48.86 -5.97
C ALA B 21 9.95 -49.30 -4.62
N PRO B 22 10.72 -49.76 -3.63
CA PRO B 22 10.14 -49.94 -2.28
C PRO B 22 9.69 -48.65 -1.62
N MET B 23 10.41 -47.54 -1.83
CA MET B 23 10.05 -46.28 -1.17
C MET B 23 8.70 -45.77 -1.65
N LEU B 24 8.30 -46.15 -2.87
CA LEU B 24 7.01 -45.78 -3.45
C LEU B 24 5.91 -46.78 -3.12
N ALA B 25 6.04 -47.55 -2.04
CA ALA B 25 5.14 -48.67 -1.80
C ALA B 25 3.73 -48.19 -1.44
N ASP B 26 3.62 -47.27 -0.49
CA ASP B 26 2.32 -46.76 -0.08
C ASP B 26 1.61 -46.11 -1.27
N PRO B 27 0.30 -46.35 -1.44
CA PRO B 27 -0.42 -45.69 -2.56
C PRO B 27 -0.42 -44.17 -2.49
N HIS B 28 -0.36 -43.59 -1.30
CA HIS B 28 -0.26 -42.14 -1.18
C HIS B 28 1.15 -41.74 -0.74
N PHE B 29 2.14 -42.16 -1.52
CA PHE B 29 3.51 -41.71 -1.34
C PHE B 29 3.54 -40.19 -1.42
N PRO B 30 4.12 -39.50 -0.44
CA PRO B 30 3.97 -38.04 -0.35
C PRO B 30 4.78 -37.22 -1.35
N ALA B 31 5.37 -37.84 -2.37
CA ALA B 31 6.08 -37.13 -3.43
C ALA B 31 7.22 -36.27 -2.89
N LEU B 32 7.87 -36.77 -1.84
CA LEU B 32 9.05 -36.14 -1.27
C LEU B 32 9.95 -37.25 -0.71
N LEU B 33 11.23 -36.93 -0.57
CA LEU B 33 12.21 -37.87 -0.04
C LEU B 33 12.87 -37.28 1.19
N GLU B 34 12.89 -38.05 2.28
CA GLU B 34 13.65 -37.69 3.45
C GLU B 34 15.15 -37.72 3.13
N ALA B 35 15.94 -37.00 3.93
CA ALA B 35 17.38 -36.98 3.69
C ALA B 35 17.97 -38.39 3.74
N ASP B 36 17.52 -39.21 4.68
CA ASP B 36 18.04 -40.58 4.74
C ASP B 36 17.65 -41.36 3.49
N GLN B 37 16.51 -41.03 2.87
CA GLN B 37 16.12 -41.72 1.65
C GLN B 37 16.96 -41.28 0.47
N VAL B 38 17.29 -39.98 0.40
CA VAL B 38 18.22 -39.54 -0.65
C VAL B 38 19.55 -40.26 -0.48
N ALA B 39 20.01 -40.40 0.77
CA ALA B 39 21.28 -41.07 1.04
C ALA B 39 21.24 -42.53 0.63
N THR B 40 20.14 -43.23 0.94
CA THR B 40 19.98 -44.62 0.50
C THR B 40 20.10 -44.74 -1.01
N LEU B 41 19.38 -43.88 -1.74
CA LEU B 41 19.44 -43.91 -3.19
C LEU B 41 20.86 -43.62 -3.70
N GLN B 42 21.58 -42.72 -3.04
CA GLN B 42 22.95 -42.42 -3.47
C GLN B 42 23.87 -43.62 -3.24
N HIS B 43 23.74 -44.29 -2.09
CA HIS B 43 24.55 -45.47 -1.82
C HIS B 43 24.28 -46.57 -2.84
N ALA B 44 23.01 -46.75 -3.23
CA ALA B 44 22.66 -47.84 -4.12
C ALA B 44 22.97 -47.57 -5.57
N THR B 45 23.31 -46.34 -5.94
CA THR B 45 23.66 -46.00 -7.30
C THR B 45 25.03 -45.39 -7.47
N GLY B 46 25.64 -44.88 -6.41
CA GLY B 46 26.86 -44.12 -6.54
C GLY B 46 26.72 -42.77 -7.20
N LEU B 47 25.50 -42.27 -7.39
CA LEU B 47 25.30 -40.96 -7.99
C LEU B 47 25.54 -39.86 -6.98
N ASP B 48 26.09 -38.74 -7.44
CA ASP B 48 26.08 -37.54 -6.59
C ASP B 48 24.67 -36.93 -6.61
N GLU B 49 24.43 -35.94 -5.74
CA GLU B 49 23.07 -35.45 -5.56
C GLU B 49 22.51 -34.83 -6.84
N ASP B 50 23.37 -34.17 -7.63
CA ASP B 50 22.90 -33.55 -8.88
C ASP B 50 22.45 -34.61 -9.89
N ALA B 51 23.24 -35.68 -10.06
CA ALA B 51 22.88 -36.71 -11.03
C ALA B 51 21.66 -37.51 -10.55
N LEU B 52 21.56 -37.74 -9.24
CA LEU B 52 20.38 -38.40 -8.70
C LEU B 52 19.12 -37.61 -8.97
N ALA B 53 19.17 -36.29 -8.74
CA ALA B 53 18.00 -35.45 -8.97
C ALA B 53 17.59 -35.45 -10.43
N PHE B 54 18.56 -35.33 -11.35
CA PHE B 54 18.22 -35.45 -12.77
C PHE B 54 17.54 -36.78 -13.06
N ALA B 55 18.07 -37.87 -12.48
CA ALA B 55 17.52 -39.20 -12.75
C ALA B 55 16.14 -39.37 -12.13
N LEU B 56 15.81 -38.61 -11.10
CA LEU B 56 14.50 -38.71 -10.46
C LEU B 56 13.43 -37.84 -11.12
N LEU B 57 13.81 -36.94 -12.04
CA LEU B 57 12.81 -36.05 -12.64
C LEU B 57 11.62 -36.76 -13.29
N PRO B 58 11.77 -37.93 -13.93
CA PRO B 58 10.58 -38.61 -14.46
C PRO B 58 9.56 -38.96 -13.39
N LEU B 59 10.01 -39.26 -12.17
CA LEU B 59 9.06 -39.52 -11.08
C LEU B 59 8.31 -38.27 -10.68
N ALA B 60 9.01 -37.13 -10.57
CA ALA B 60 8.32 -35.87 -10.31
C ALA B 60 7.35 -35.54 -11.43
N ALA B 61 7.81 -35.66 -12.68
CA ALA B 61 6.94 -35.38 -13.82
C ALA B 61 5.72 -36.28 -13.84
N ALA B 62 5.85 -37.51 -13.32
CA ALA B 62 4.72 -38.43 -13.22
C ALA B 62 3.65 -37.92 -12.28
N CYS B 63 3.97 -36.95 -11.42
CA CYS B 63 3.03 -36.38 -10.47
C CYS B 63 2.17 -35.28 -11.08
N ALA B 64 2.52 -34.81 -12.26
CA ALA B 64 1.93 -33.63 -12.84
C ALA B 64 0.52 -33.92 -13.36
N ARG B 65 -0.25 -32.85 -13.56
CA ARG B 65 -1.60 -32.91 -14.12
C ARG B 65 -1.71 -31.94 -15.28
N PRO B 66 -0.97 -32.16 -16.36
CA PRO B 66 -1.10 -31.24 -17.49
C PRO B 66 -2.33 -31.55 -18.31
N ASP B 67 -3.51 -31.31 -17.72
CA ASP B 67 -4.77 -31.76 -18.33
C ASP B 67 -5.03 -31.09 -19.67
N LEU B 68 -4.50 -29.88 -19.87
CA LEU B 68 -4.66 -29.22 -21.16
C LEU B 68 -3.61 -29.68 -22.16
N SER B 69 -2.34 -29.49 -21.82
CA SER B 69 -1.25 -29.65 -22.77
C SER B 69 -0.73 -31.07 -22.90
N HIS B 70 -0.93 -31.91 -21.88
CA HIS B 70 -0.40 -33.27 -21.81
C HIS B 70 1.12 -33.29 -21.80
N PHE B 71 1.77 -32.15 -21.60
CA PHE B 71 3.23 -32.11 -21.50
C PHE B 71 3.60 -32.11 -20.03
N ASN B 72 3.97 -33.27 -19.51
CA ASN B 72 4.35 -33.37 -18.10
C ASN B 72 5.68 -32.66 -17.88
N VAL B 73 5.75 -31.84 -16.84
CA VAL B 73 6.98 -31.20 -16.42
C VAL B 73 7.21 -31.52 -14.95
N GLY B 74 8.40 -32.01 -14.62
CA GLY B 74 8.72 -32.23 -13.22
C GLY B 74 9.75 -31.24 -12.71
N ALA B 75 9.80 -31.05 -11.39
CA ALA B 75 10.82 -30.23 -10.75
C ALA B 75 11.13 -30.87 -9.40
N ILE B 76 12.36 -30.69 -8.94
CA ILE B 76 12.73 -31.18 -7.63
C ILE B 76 13.35 -30.03 -6.87
N ALA B 77 12.72 -29.65 -5.75
CA ALA B 77 13.20 -28.60 -4.87
C ALA B 77 14.00 -29.23 -3.74
N ARG B 78 15.28 -28.88 -3.66
CA ARG B 78 16.21 -29.38 -2.64
C ARG B 78 16.16 -28.46 -1.45
N GLY B 79 15.59 -28.94 -0.34
CA GLY B 79 15.58 -28.15 0.88
C GLY B 79 16.93 -28.12 1.57
N VAL B 80 17.14 -27.07 2.36
CA VAL B 80 18.38 -26.99 3.16
C VAL B 80 18.41 -28.06 4.23
N SER B 81 17.24 -28.61 4.58
CA SER B 81 17.12 -29.76 5.47
C SER B 81 17.67 -31.04 4.87
N GLY B 82 17.93 -31.09 3.57
CA GLY B 82 18.27 -32.33 2.90
C GLY B 82 17.08 -33.11 2.36
N ARG B 83 15.86 -32.70 2.70
CA ARG B 83 14.67 -33.27 2.06
C ARG B 83 14.53 -32.73 0.64
N TRP B 84 14.07 -33.60 -0.26
CA TRP B 84 13.76 -33.25 -1.65
C TRP B 84 12.25 -33.30 -1.85
N TYR B 85 11.72 -32.28 -2.54
CA TYR B 85 10.28 -32.15 -2.74
C TYR B 85 9.96 -32.18 -4.24
N PHE B 86 9.09 -33.11 -4.65
CA PHE B 86 8.66 -33.19 -6.04
C PHE B 86 7.66 -32.09 -6.36
N GLY B 87 7.70 -31.64 -7.61
CA GLY B 87 6.62 -30.82 -8.14
C GLY B 87 6.29 -31.21 -9.57
N GLY B 88 5.05 -30.93 -9.96
CA GLY B 88 4.64 -31.11 -11.34
C GLY B 88 3.63 -30.05 -11.74
N ASN B 89 3.61 -29.75 -13.04
CA ASN B 89 2.70 -28.71 -13.50
C ASN B 89 1.25 -29.17 -13.40
N MET B 90 0.36 -28.19 -13.25
CA MET B 90 -1.08 -28.42 -13.15
C MET B 90 -1.80 -27.44 -14.06
N GLU B 91 -2.70 -27.98 -14.89
CA GLU B 91 -3.57 -27.19 -15.75
C GLU B 91 -5.00 -27.67 -15.53
N PHE B 92 -5.96 -26.74 -15.57
CA PHE B 92 -7.32 -27.02 -15.12
C PHE B 92 -8.30 -26.72 -16.25
N LEU B 93 -8.77 -27.79 -16.89
CA LEU B 93 -9.79 -27.67 -17.92
C LEU B 93 -11.05 -27.04 -17.33
N GLY B 94 -11.69 -26.18 -18.11
CA GLY B 94 -12.85 -25.46 -17.63
C GLY B 94 -12.53 -24.16 -16.90
N ALA B 95 -11.26 -23.94 -16.55
CA ALA B 95 -10.83 -22.69 -15.94
C ALA B 95 -10.07 -21.86 -16.96
N THR B 96 -9.01 -21.17 -16.52
CA THR B 96 -8.26 -20.27 -17.39
C THR B 96 -6.77 -20.53 -17.28
N MET B 97 -6.02 -19.87 -18.16
CA MET B 97 -4.56 -19.94 -18.09
C MET B 97 -4.03 -19.40 -16.76
N GLN B 98 -4.75 -18.48 -16.11
CA GLN B 98 -4.26 -17.87 -14.87
C GLN B 98 -4.28 -18.84 -13.69
N GLN B 99 -5.03 -19.93 -13.77
CA GLN B 99 -5.08 -20.90 -12.70
C GLN B 99 -3.98 -21.96 -12.81
N THR B 100 -3.17 -21.90 -13.86
CA THR B 100 -2.10 -22.88 -14.09
C THR B 100 -1.05 -22.78 -12.98
N VAL B 101 -0.45 -23.94 -12.67
CA VAL B 101 0.66 -24.07 -11.72
C VAL B 101 1.84 -24.66 -12.47
N HIS B 102 2.96 -23.95 -12.48
CA HIS B 102 4.14 -24.51 -13.10
C HIS B 102 4.80 -25.52 -12.15
N ALA B 103 5.58 -26.43 -12.75
CA ALA B 103 6.28 -27.44 -11.96
C ALA B 103 7.17 -26.82 -10.89
N GLU B 104 7.90 -25.76 -11.27
CA GLU B 104 8.72 -25.03 -10.29
C GLU B 104 7.86 -24.47 -9.16
N GLN B 105 6.73 -23.85 -9.49
CA GLN B 105 5.82 -23.36 -8.46
C GLN B 105 5.30 -24.49 -7.59
N SER B 106 4.97 -25.63 -8.21
CA SER B 106 4.52 -26.81 -7.48
C SER B 106 5.53 -27.29 -6.47
N ALA B 107 6.78 -27.43 -6.90
CA ALA B 107 7.81 -27.98 -6.03
C ALA B 107 8.15 -27.03 -4.89
N ILE B 108 8.21 -25.73 -5.19
CA ILE B 108 8.51 -24.73 -4.16
C ILE B 108 7.36 -24.65 -3.16
N SER B 109 6.13 -24.60 -3.67
CA SER B 109 4.96 -24.61 -2.81
C SER B 109 4.91 -25.86 -1.94
N HIS B 110 5.31 -27.00 -2.51
CA HIS B 110 5.34 -28.25 -1.74
C HIS B 110 6.29 -28.13 -0.54
N ALA B 111 7.55 -27.78 -0.80
CA ALA B 111 8.51 -27.61 0.28
C ALA B 111 8.00 -26.63 1.34
N TRP B 112 7.49 -25.48 0.89
CA TRP B 112 7.01 -24.46 1.80
C TRP B 112 5.88 -24.98 2.69
N LEU B 113 4.88 -25.62 2.10
CA LEU B 113 3.75 -26.06 2.90
C LEU B 113 4.10 -27.27 3.77
N ARG B 114 5.20 -27.95 3.49
CA ARG B 114 5.70 -28.99 4.38
C ARG B 114 6.68 -28.45 5.42
N GLY B 115 6.81 -27.13 5.54
CA GLY B 115 7.62 -26.55 6.59
C GLY B 115 9.10 -26.42 6.31
N GLU B 116 9.55 -26.73 5.09
CA GLU B 116 10.94 -26.47 4.72
C GLU B 116 11.25 -24.98 4.87
N THR B 117 12.39 -24.65 5.48
CA THR B 117 12.67 -23.26 5.81
C THR B 117 13.24 -22.48 4.62
N SER B 118 13.95 -23.15 3.71
CA SER B 118 14.55 -22.48 2.56
C SER B 118 15.04 -23.56 1.60
N LEU B 119 15.33 -23.16 0.36
CA LEU B 119 15.80 -24.09 -0.65
C LEU B 119 17.24 -23.78 -1.03
N ARG B 120 18.05 -24.84 -1.18
CA ARG B 120 19.41 -24.68 -1.69
C ARG B 120 19.48 -24.73 -3.21
N ALA B 121 18.57 -25.43 -3.86
CA ALA B 121 18.61 -25.54 -5.32
C ALA B 121 17.27 -26.07 -5.81
N ILE B 122 17.07 -25.96 -7.12
CA ILE B 122 15.96 -26.60 -7.81
C ILE B 122 16.51 -27.23 -9.08
N THR B 123 16.01 -28.43 -9.40
CA THR B 123 16.39 -29.19 -10.59
C THR B 123 15.17 -29.34 -11.48
N VAL B 124 15.33 -29.01 -12.76
CA VAL B 124 14.28 -29.12 -13.76
C VAL B 124 14.89 -29.63 -15.06
N ASN B 125 14.02 -30.08 -15.97
CA ASN B 125 14.52 -30.56 -17.24
C ASN B 125 14.54 -29.49 -18.31
N TYR B 126 13.78 -28.41 -18.13
CA TYR B 126 13.67 -27.32 -19.10
C TYR B 126 13.93 -26.01 -18.38
N THR B 127 14.57 -25.08 -19.07
CA THR B 127 14.88 -23.79 -18.49
C THR B 127 13.60 -23.15 -17.94
N PRO B 128 13.60 -22.68 -16.69
CA PRO B 128 12.41 -22.02 -16.16
C PRO B 128 12.01 -20.83 -17.02
N CYS B 129 10.70 -20.70 -17.23
CA CYS B 129 10.16 -19.57 -17.98
C CYS B 129 10.28 -18.28 -17.15
N GLY B 130 9.95 -17.15 -17.79
CA GLY B 130 10.08 -15.86 -17.12
C GLY B 130 9.14 -15.69 -15.96
N HIS B 131 7.94 -16.29 -16.06
CA HIS B 131 7.01 -16.32 -14.93
C HIS B 131 7.63 -17.06 -13.73
N CYS B 132 8.29 -18.20 -13.97
CA CYS B 132 8.93 -18.94 -12.88
C CYS B 132 10.18 -18.23 -12.35
N ARG B 133 10.95 -17.61 -13.24
CA ARG B 133 12.11 -16.87 -12.75
C ARG B 133 11.67 -15.77 -11.79
N GLN B 134 10.58 -15.08 -12.13
CA GLN B 134 10.05 -14.03 -11.26
C GLN B 134 9.51 -14.62 -9.97
N PHE B 135 8.78 -15.73 -10.06
CA PHE B 135 8.26 -16.41 -8.87
C PHE B 135 9.39 -16.76 -7.90
N MET B 136 10.50 -17.29 -8.43
CA MET B 136 11.59 -17.73 -7.57
C MET B 136 12.32 -16.56 -6.93
N ASN B 137 12.27 -15.38 -7.55
CA ASN B 137 12.89 -14.23 -6.90
C ASN B 137 12.14 -13.76 -5.67
N GLU B 138 10.96 -14.32 -5.36
CA GLU B 138 10.25 -13.99 -4.12
C GLU B 138 10.83 -14.71 -2.90
N LEU B 139 11.62 -15.76 -3.10
CA LEU B 139 12.00 -16.66 -2.02
C LEU B 139 13.14 -16.08 -1.18
N ASN B 140 13.25 -16.56 0.05
CA ASN B 140 14.36 -16.13 0.90
C ASN B 140 15.71 -16.58 0.37
N SER B 141 15.76 -17.47 -0.63
CA SER B 141 17.03 -17.82 -1.27
C SER B 141 17.44 -16.80 -2.32
N GLY B 142 16.55 -15.91 -2.72
CA GLY B 142 16.83 -14.80 -3.60
C GLY B 142 17.48 -15.21 -4.91
N LEU B 143 18.32 -14.31 -5.42
CA LEU B 143 18.95 -14.50 -6.72
C LEU B 143 20.05 -15.55 -6.69
N ALA B 144 20.45 -16.01 -5.50
CA ALA B 144 21.54 -16.98 -5.37
C ALA B 144 21.08 -18.43 -5.54
N LEU B 145 19.77 -18.68 -5.55
CA LEU B 145 19.28 -20.05 -5.70
C LEU B 145 19.92 -20.72 -6.92
N ARG B 146 20.41 -21.95 -6.73
CA ARG B 146 21.06 -22.68 -7.81
C ARG B 146 20.03 -23.43 -8.65
N ILE B 147 20.10 -23.25 -9.97
CA ILE B 147 19.17 -23.88 -10.90
C ILE B 147 19.96 -24.88 -11.74
N HIS B 148 19.53 -26.14 -11.71
CA HIS B 148 20.23 -27.26 -12.35
C HIS B 148 19.42 -27.77 -13.53
N LEU B 149 20.07 -27.84 -14.69
CA LEU B 149 19.49 -28.26 -15.95
C LEU B 149 20.36 -29.34 -16.59
N PRO B 150 19.77 -30.32 -17.26
CA PRO B 150 20.58 -31.43 -17.80
C PRO B 150 21.47 -30.96 -18.94
N GLY B 151 22.70 -31.50 -18.97
CA GLY B 151 23.66 -31.16 -19.99
C GLY B 151 24.04 -29.69 -19.99
N ARG B 152 23.71 -29.00 -18.91
CA ARG B 152 23.98 -27.58 -18.74
C ARG B 152 24.78 -27.37 -17.46
N GLU B 153 25.58 -26.31 -17.45
CA GLU B 153 26.20 -25.88 -16.21
C GLU B 153 25.13 -25.35 -15.26
N ALA B 154 25.27 -25.64 -13.98
CA ALA B 154 24.37 -25.04 -13.00
C ALA B 154 24.61 -23.54 -12.95
N HIS B 155 23.57 -22.78 -12.61
CA HIS B 155 23.69 -21.33 -12.54
C HIS B 155 22.79 -20.79 -11.44
N ALA B 156 23.16 -19.63 -10.91
CA ALA B 156 22.28 -18.92 -9.99
C ALA B 156 21.06 -18.39 -10.75
N LEU B 157 19.98 -18.18 -10.01
CA LEU B 157 18.82 -17.50 -10.58
C LEU B 157 19.22 -16.15 -11.19
N GLU B 158 20.22 -15.49 -10.60
CA GLU B 158 20.72 -14.22 -11.15
C GLU B 158 21.09 -14.36 -12.63
N HIS B 159 21.66 -15.50 -13.00
CA HIS B 159 22.05 -15.73 -14.39
C HIS B 159 20.85 -15.71 -15.32
N TYR B 160 19.73 -16.29 -14.89
CA TYR B 160 18.54 -16.34 -15.73
C TYR B 160 17.68 -15.08 -15.63
N LEU B 161 17.89 -14.24 -14.62
CA LEU B 161 17.05 -13.04 -14.43
C LEU B 161 17.94 -11.84 -14.20
N PRO B 162 18.64 -11.38 -15.23
CA PRO B 162 19.44 -10.15 -15.09
C PRO B 162 18.56 -8.94 -14.83
N ASP B 163 19.14 -7.95 -14.14
CA ASP B 163 18.44 -6.72 -13.75
C ASP B 163 17.09 -7.05 -13.11
N ALA B 164 17.15 -7.90 -12.09
CA ALA B 164 15.94 -8.49 -11.52
C ALA B 164 15.14 -7.48 -10.71
N PHE B 165 13.83 -7.70 -10.67
CA PHE B 165 12.93 -7.01 -9.77
C PHE B 165 12.37 -8.03 -8.79
N GLY B 166 12.35 -7.68 -7.51
CA GLY B 166 11.82 -8.58 -6.52
C GLY B 166 11.45 -7.89 -5.22
N PRO B 167 11.03 -8.66 -4.22
CA PRO B 167 10.63 -8.04 -2.94
C PRO B 167 11.69 -7.13 -2.35
N LYS B 168 12.98 -7.44 -2.54
CA LYS B 168 14.03 -6.59 -2.00
C LYS B 168 13.96 -5.19 -2.61
N ASP B 169 13.48 -5.06 -3.85
CA ASP B 169 13.33 -3.73 -4.43
C ASP B 169 12.14 -2.97 -3.84
N LEU B 170 11.15 -3.66 -3.30
CA LEU B 170 10.09 -2.99 -2.55
C LEU B 170 10.37 -2.98 -1.07
N GLU B 171 11.61 -3.26 -0.68
CA GLU B 171 12.06 -3.18 0.72
C GLU B 171 11.26 -4.12 1.62
N ILE B 172 10.85 -5.28 1.09
CA ILE B 172 10.24 -6.32 1.90
C ILE B 172 11.34 -7.11 2.59
N LYS B 173 11.24 -7.27 3.92
CA LYS B 173 12.26 -7.99 4.67
C LYS B 173 11.83 -9.38 5.08
N THR B 174 10.55 -9.71 4.99
CA THR B 174 10.09 -11.08 5.27
C THR B 174 9.77 -11.73 3.93
N LEU B 175 10.68 -12.58 3.47
CA LEU B 175 10.60 -13.16 2.15
C LEU B 175 9.81 -14.45 2.19
N LEU B 176 9.40 -14.92 1.01
CA LEU B 176 8.62 -16.15 0.95
C LEU B 176 9.49 -17.29 1.47
N MET B 177 8.91 -18.08 2.39
CA MET B 177 9.45 -19.21 3.13
C MET B 177 10.07 -18.78 4.46
N ASP B 178 10.28 -17.49 4.69
CA ASP B 178 10.58 -17.02 6.05
C ASP B 178 9.36 -17.25 6.94
N GLU B 179 9.58 -17.36 8.24
CA GLU B 179 8.46 -17.62 9.15
C GLU B 179 7.51 -16.43 9.20
N GLN B 180 6.22 -16.72 9.06
CA GLN B 180 5.17 -15.71 9.16
C GLN B 180 4.03 -16.29 9.97
N ASP B 181 3.39 -15.42 10.77
CA ASP B 181 2.21 -15.82 11.54
C ASP B 181 1.39 -14.56 11.79
N HIS B 182 0.28 -14.42 11.08
CA HIS B 182 -0.46 -13.16 11.13
C HIS B 182 -1.40 -13.09 12.34
N GLY B 183 -1.51 -14.17 13.11
CA GLY B 183 -2.09 -14.10 14.43
C GLY B 183 -3.60 -14.16 14.50
N PHE B 184 -4.28 -14.49 13.41
CA PHE B 184 -5.74 -14.62 13.46
C PHE B 184 -6.15 -15.77 14.38
N PRO B 185 -7.23 -15.63 15.15
CA PRO B 185 -7.58 -16.66 16.14
C PRO B 185 -8.10 -17.93 15.47
N VAL B 186 -7.59 -19.07 15.92
CA VAL B 186 -7.91 -20.36 15.34
C VAL B 186 -9.01 -21.02 16.16
N SER B 187 -10.15 -21.30 15.53
CA SER B 187 -11.23 -22.01 16.20
C SER B 187 -12.11 -22.69 15.16
N GLY B 188 -12.97 -23.59 15.63
CA GLY B 188 -13.93 -24.28 14.80
C GLY B 188 -13.59 -25.76 14.67
N ASP B 189 -14.24 -26.40 13.71
CA ASP B 189 -13.93 -27.79 13.41
C ASP B 189 -12.55 -27.87 12.74
N ALA B 190 -12.11 -29.11 12.49
CA ALA B 190 -10.74 -29.34 12.04
C ALA B 190 -10.46 -28.64 10.70
N LEU B 191 -11.43 -28.66 9.78
CA LEU B 191 -11.21 -28.07 8.47
C LEU B 191 -11.17 -26.55 8.54
N THR B 192 -12.01 -25.96 9.40
CA THR B 192 -11.98 -24.52 9.61
C THR B 192 -10.66 -24.07 10.21
N GLN B 193 -10.16 -24.82 11.21
CA GLN B 193 -8.88 -24.45 11.81
C GLN B 193 -7.73 -24.60 10.82
N ALA B 194 -7.77 -25.65 10.00
CA ALA B 194 -6.77 -25.81 8.96
C ALA B 194 -6.75 -24.62 8.01
N ALA B 195 -7.94 -24.12 7.62
CA ALA B 195 -7.99 -23.00 6.70
C ALA B 195 -7.47 -21.71 7.33
N ILE B 196 -7.82 -21.48 8.61
CA ILE B 196 -7.34 -20.29 9.33
C ILE B 196 -5.84 -20.34 9.53
N GLN B 197 -5.33 -21.51 9.95
CA GLN B 197 -3.89 -21.69 10.07
C GLN B 197 -3.18 -21.47 8.73
N ALA B 198 -3.79 -21.92 7.63
CA ALA B 198 -3.19 -21.67 6.33
C ALA B 198 -3.09 -20.18 6.07
N ALA B 199 -4.12 -19.42 6.44
CA ALA B 199 -4.10 -17.97 6.23
C ALA B 199 -3.04 -17.30 7.09
N ASN B 200 -2.83 -17.82 8.31
CA ASN B 200 -1.88 -17.21 9.23
C ASN B 200 -0.44 -17.33 8.75
N ARG B 201 -0.11 -18.33 7.93
CA ARG B 201 1.26 -18.39 7.42
C ARG B 201 1.37 -17.98 5.95
N CYS B 202 0.36 -17.28 5.42
CA CYS B 202 0.45 -16.86 4.03
C CYS B 202 1.40 -15.67 3.85
N HIS B 203 1.74 -15.40 2.61
CA HIS B 203 2.70 -14.35 2.25
C HIS B 203 1.93 -13.32 1.42
N ALA B 204 1.60 -12.17 2.02
CA ALA B 204 0.81 -11.17 1.31
C ALA B 204 1.22 -9.76 1.72
N PRO B 205 2.50 -9.39 1.53
CA PRO B 205 2.93 -8.05 1.93
C PRO B 205 2.49 -6.94 0.99
N TYR B 206 1.95 -7.26 -0.18
CA TYR B 206 1.61 -6.22 -1.15
C TYR B 206 0.16 -5.78 -1.03
N SER B 207 -0.77 -6.72 -0.83
CA SER B 207 -2.17 -6.37 -0.61
C SER B 207 -2.59 -6.45 0.84
N HIS B 208 -1.81 -7.12 1.70
CA HIS B 208 -2.18 -7.40 3.09
C HIS B 208 -3.53 -8.11 3.17
N SER B 209 -3.82 -8.95 2.20
CA SER B 209 -5.11 -9.62 2.08
C SER B 209 -4.83 -11.09 2.39
N PRO B 210 -4.95 -11.53 3.65
CA PRO B 210 -4.55 -12.90 3.99
C PRO B 210 -5.61 -13.91 3.58
N SER B 211 -5.18 -15.06 3.09
CA SER B 211 -6.15 -16.10 2.76
C SER B 211 -5.51 -17.48 2.83
N GLY B 212 -6.34 -18.47 3.11
CA GLY B 212 -5.93 -19.86 3.09
C GLY B 212 -7.11 -20.72 2.68
N VAL B 213 -6.81 -21.87 2.10
CA VAL B 213 -7.83 -22.84 1.68
C VAL B 213 -7.48 -24.19 2.30
N ALA B 214 -8.50 -24.88 2.81
CA ALA B 214 -8.35 -26.26 3.27
C ALA B 214 -9.40 -27.13 2.58
N LEU B 215 -8.98 -28.32 2.17
CA LEU B 215 -9.84 -29.27 1.49
C LEU B 215 -9.95 -30.52 2.34
N GLU B 216 -11.17 -31.02 2.52
CA GLU B 216 -11.42 -32.25 3.28
C GLU B 216 -11.79 -33.35 2.30
N LEU B 217 -11.07 -34.46 2.35
CA LEU B 217 -11.32 -35.55 1.42
C LEU B 217 -12.30 -36.56 2.01
N LYS B 218 -12.78 -37.47 1.15
CA LYS B 218 -13.78 -38.44 1.59
C LYS B 218 -13.25 -39.31 2.73
N ASP B 219 -11.95 -39.65 2.70
CA ASP B 219 -11.38 -40.47 3.79
C ASP B 219 -10.96 -39.64 5.00
N GLY B 220 -11.27 -38.34 5.04
CA GLY B 220 -10.97 -37.51 6.18
C GLY B 220 -9.68 -36.72 6.10
N THR B 221 -8.80 -37.03 5.14
CA THR B 221 -7.56 -36.28 5.00
C THR B 221 -7.86 -34.81 4.68
N ILE B 222 -7.09 -33.91 5.27
CA ILE B 222 -7.17 -32.48 4.99
C ILE B 222 -5.88 -32.02 4.34
N PHE B 223 -6.00 -31.28 3.23
CA PHE B 223 -4.87 -30.60 2.60
C PHE B 223 -5.17 -29.11 2.56
N SER B 224 -4.21 -28.30 2.96
CA SER B 224 -4.41 -26.85 2.93
C SER B 224 -3.37 -26.14 2.07
N GLY B 225 -3.70 -24.92 1.67
CA GLY B 225 -2.79 -24.13 0.88
C GLY B 225 -2.83 -22.70 1.37
N SER B 226 -1.68 -22.04 1.42
CA SER B 226 -1.59 -20.62 1.79
C SER B 226 -1.32 -19.75 0.58
N TYR B 227 -2.00 -18.61 0.57
CA TYR B 227 -1.75 -17.53 -0.38
C TYR B 227 -0.28 -17.14 -0.40
N ALA B 228 0.29 -16.97 -1.60
CA ALA B 228 1.70 -16.54 -1.72
C ALA B 228 1.81 -15.46 -2.80
N GLU B 229 1.89 -14.20 -2.37
CA GLU B 229 1.97 -13.12 -3.34
C GLU B 229 3.37 -13.03 -3.96
N ASN B 230 3.45 -12.26 -5.02
CA ASN B 230 4.68 -12.04 -5.77
C ASN B 230 4.83 -10.56 -6.03
N ALA B 231 6.09 -10.08 -5.93
CA ALA B 231 6.37 -8.66 -6.14
C ALA B 231 5.90 -8.18 -7.49
N ALA B 232 5.94 -9.03 -8.52
CA ALA B 232 5.43 -8.69 -9.85
C ALA B 232 3.94 -8.97 -9.99
N PHE B 233 3.27 -9.35 -8.89
N PHE B 233 3.27 -9.35 -8.89
CA PHE B 233 1.82 -9.50 -8.79
CA PHE B 233 1.82 -9.50 -8.79
C PHE B 233 1.30 -10.74 -9.50
N ASN B 234 1.38 -10.80 -10.83
CA ASN B 234 0.74 -11.90 -11.56
C ASN B 234 1.25 -13.30 -11.20
N PRO B 235 2.54 -13.52 -10.92
CA PRO B 235 2.98 -14.88 -10.56
C PRO B 235 2.52 -15.35 -9.18
N THR B 236 1.82 -14.51 -8.42
CA THR B 236 1.17 -14.90 -7.18
C THR B 236 0.49 -16.25 -7.29
N LEU B 237 0.63 -17.08 -6.25
CA LEU B 237 -0.04 -18.36 -6.18
C LEU B 237 -1.26 -18.27 -5.27
N PRO B 238 -2.47 -18.48 -5.77
CA PRO B 238 -3.65 -18.40 -4.91
C PRO B 238 -3.65 -19.54 -3.91
N PRO B 239 -4.36 -19.39 -2.79
CA PRO B 239 -4.36 -20.45 -1.77
C PRO B 239 -4.96 -21.76 -2.25
N LEU B 240 -6.01 -21.72 -3.09
CA LEU B 240 -6.60 -22.96 -3.58
C LEU B 240 -5.56 -23.81 -4.31
N GLN B 241 -4.72 -23.16 -5.12
CA GLN B 241 -3.72 -23.86 -5.91
C GLN B 241 -2.74 -24.62 -5.02
N GLY B 242 -2.39 -24.05 -3.85
CA GLY B 242 -1.50 -24.75 -2.94
C GLY B 242 -2.13 -26.00 -2.37
N ALA B 243 -3.42 -25.95 -2.06
CA ALA B 243 -4.10 -27.13 -1.54
C ALA B 243 -4.30 -28.20 -2.63
N LEU B 244 -4.70 -27.80 -3.83
CA LEU B 244 -4.82 -28.77 -4.92
C LEU B 244 -3.47 -29.40 -5.26
N ASN B 245 -2.40 -28.60 -5.21
CA ASN B 245 -1.05 -29.11 -5.42
C ASN B 245 -0.74 -30.24 -4.45
N LEU B 246 -0.93 -29.98 -3.16
CA LEU B 246 -0.68 -31.01 -2.15
C LEU B 246 -1.57 -32.22 -2.35
N LEU B 247 -2.86 -31.99 -2.63
CA LEU B 247 -3.81 -33.08 -2.85
C LEU B 247 -3.31 -34.02 -3.94
N SER B 248 -2.95 -33.46 -5.10
CA SER B 248 -2.55 -34.27 -6.23
C SER B 248 -1.20 -34.94 -6.00
N LEU B 249 -0.23 -34.19 -5.47
CA LEU B 249 1.10 -34.75 -5.22
C LEU B 249 1.02 -35.95 -4.29
N ASN B 250 0.09 -35.96 -3.36
CA ASN B 250 -0.06 -37.06 -2.43
C ASN B 250 -0.93 -38.18 -2.99
N GLY B 251 -1.21 -38.17 -4.29
CA GLY B 251 -1.87 -39.30 -4.93
C GLY B 251 -3.38 -39.30 -4.86
N TYR B 252 -4.02 -38.13 -4.80
CA TYR B 252 -5.47 -38.06 -4.85
C TYR B 252 -5.90 -37.36 -6.13
N ASP B 253 -7.17 -37.55 -6.46
CA ASP B 253 -7.81 -36.90 -7.59
C ASP B 253 -8.97 -36.06 -7.06
N TYR B 254 -9.40 -35.09 -7.86
CA TYR B 254 -10.36 -34.12 -7.38
C TYR B 254 -11.73 -34.69 -6.97
N PRO B 255 -12.21 -35.83 -7.50
CA PRO B 255 -13.47 -36.38 -6.97
C PRO B 255 -13.42 -36.68 -5.48
N ALA B 256 -12.24 -36.91 -4.90
CA ALA B 256 -12.15 -37.18 -3.47
C ALA B 256 -12.46 -35.96 -2.60
N ILE B 257 -12.54 -34.76 -3.18
CA ILE B 257 -12.86 -33.58 -2.36
C ILE B 257 -14.30 -33.67 -1.89
N GLN B 258 -14.49 -33.62 -0.57
CA GLN B 258 -15.83 -33.58 0.01
C GLN B 258 -16.26 -32.18 0.46
N ARG B 259 -15.35 -31.43 1.07
CA ARG B 259 -15.63 -30.14 1.68
C ARG B 259 -14.45 -29.22 1.39
N ALA B 260 -14.72 -27.93 1.15
CA ALA B 260 -13.69 -26.94 0.92
C ALA B 260 -14.01 -25.66 1.70
N ILE B 261 -12.98 -25.05 2.29
CA ILE B 261 -13.15 -23.80 3.02
C ILE B 261 -12.10 -22.80 2.54
N LEU B 262 -12.54 -21.59 2.22
CA LEU B 262 -11.66 -20.43 2.05
C LEU B 262 -11.77 -19.54 3.28
N ALA B 263 -10.63 -19.21 3.88
CA ALA B 263 -10.59 -18.22 4.96
C ALA B 263 -9.93 -16.96 4.42
N GLU B 264 -10.62 -15.83 4.53
CA GLU B 264 -10.10 -14.53 4.09
C GLU B 264 -10.92 -13.42 4.76
N LYS B 265 -10.45 -12.18 4.61
CA LYS B 265 -11.13 -11.00 5.16
C LYS B 265 -12.20 -10.53 4.19
N ALA B 266 -13.41 -10.31 4.70
CA ALA B 266 -14.53 -9.93 3.85
C ALA B 266 -14.26 -8.62 3.11
N ASP B 267 -13.59 -7.67 3.77
CA ASP B 267 -13.36 -6.35 3.17
C ASP B 267 -11.90 -6.13 2.76
N ALA B 268 -11.19 -7.21 2.44
CA ALA B 268 -9.82 -7.15 2.00
C ALA B 268 -9.69 -6.48 0.63
N ALA B 269 -8.51 -5.94 0.36
CA ALA B 269 -8.27 -5.25 -0.89
C ALA B 269 -8.39 -6.19 -2.08
N LEU B 270 -7.93 -7.44 -1.92
CA LEU B 270 -8.06 -8.48 -2.94
C LEU B 270 -8.93 -9.61 -2.40
N ILE B 271 -9.68 -10.28 -3.28
CA ILE B 271 -10.68 -11.25 -2.87
C ILE B 271 -10.52 -12.51 -3.70
N GLN B 272 -10.33 -13.65 -3.03
CA GLN B 272 -10.12 -14.93 -3.71
C GLN B 272 -11.42 -15.72 -3.91
N TRP B 273 -12.51 -15.27 -3.30
CA TRP B 273 -13.73 -16.07 -3.23
C TRP B 273 -14.21 -16.50 -4.61
N ASP B 274 -14.37 -15.54 -5.53
CA ASP B 274 -15.00 -15.87 -6.81
C ASP B 274 -14.12 -16.81 -7.63
N ALA B 275 -12.80 -16.58 -7.67
CA ALA B 275 -11.93 -17.48 -8.41
C ALA B 275 -11.89 -18.85 -7.76
N THR B 276 -11.99 -18.90 -6.43
CA THR B 276 -11.93 -20.18 -5.74
C THR B 276 -13.16 -21.02 -6.06
N VAL B 277 -14.35 -20.43 -5.95
CA VAL B 277 -15.60 -21.11 -6.28
C VAL B 277 -15.59 -21.61 -7.73
N ALA B 278 -15.22 -20.73 -8.66
CA ALA B 278 -15.28 -21.06 -10.08
C ALA B 278 -14.31 -22.19 -10.42
N THR B 279 -13.11 -22.17 -9.84
CA THR B 279 -12.14 -23.21 -10.14
C THR B 279 -12.57 -24.54 -9.54
N LEU B 280 -13.00 -24.55 -8.27
CA LEU B 280 -13.49 -25.78 -7.67
C LEU B 280 -14.68 -26.33 -8.44
N LYS B 281 -15.57 -25.46 -8.91
CA LYS B 281 -16.72 -25.92 -9.69
C LYS B 281 -16.27 -26.57 -11.00
N ALA B 282 -15.25 -26.00 -11.64
CA ALA B 282 -14.70 -26.66 -12.83
C ALA B 282 -14.13 -28.04 -12.50
N LEU B 283 -13.77 -28.29 -11.24
CA LEU B 283 -13.27 -29.59 -10.85
C LEU B 283 -14.32 -30.45 -10.18
N GLY B 284 -15.60 -30.05 -10.27
CA GLY B 284 -16.69 -30.85 -9.77
C GLY B 284 -16.93 -30.79 -8.29
N CYS B 285 -16.38 -29.79 -7.59
CA CYS B 285 -16.63 -29.65 -6.16
C CYS B 285 -17.60 -28.49 -5.97
N HIS B 286 -18.73 -28.75 -5.31
CA HIS B 286 -19.74 -27.73 -5.07
C HIS B 286 -20.00 -27.48 -3.59
N ASN B 287 -19.35 -28.19 -2.68
CA ASN B 287 -19.46 -27.90 -1.25
C ASN B 287 -18.31 -26.98 -0.88
N ILE B 288 -18.59 -25.67 -0.91
CA ILE B 288 -17.58 -24.64 -0.68
C ILE B 288 -18.14 -23.61 0.28
N GLU B 289 -17.43 -23.37 1.38
CA GLU B 289 -17.83 -22.37 2.34
C GLU B 289 -16.71 -21.34 2.52
N ARG B 290 -17.09 -20.19 3.06
CA ARG B 290 -16.18 -19.09 3.31
C ARG B 290 -16.19 -18.76 4.78
N VAL B 291 -15.02 -18.80 5.42
CA VAL B 291 -14.83 -18.42 6.81
C VAL B 291 -14.13 -17.07 6.83
N LEU B 292 -14.63 -16.14 7.64
CA LEU B 292 -14.20 -14.75 7.58
C LEU B 292 -13.19 -14.45 8.68
N LEU B 293 -12.08 -13.82 8.30
CA LEU B 293 -11.05 -13.40 9.24
C LEU B 293 -11.36 -11.98 9.72
N GLY B 294 -11.09 -11.74 11.01
CA GLY B 294 -11.40 -10.46 11.62
CA GLY B 294 -11.40 -10.46 11.62
C GLY B 294 -10.83 -9.26 10.91
N SER C 3 24.92 32.55 22.19
CA SER C 3 24.29 33.64 22.93
C SER C 3 22.78 33.48 22.95
N ARG C 4 22.28 32.49 22.20
CA ARG C 4 20.96 31.94 22.52
C ARG C 4 21.01 31.16 23.83
N PHE C 5 22.21 30.80 24.28
CA PHE C 5 22.46 30.17 25.57
C PHE C 5 22.80 31.16 26.68
N GLN C 6 23.02 32.43 26.35
CA GLN C 6 23.66 33.36 27.29
C GLN C 6 22.81 33.57 28.54
N ALA C 7 21.53 33.89 28.38
CA ALA C 7 20.67 34.09 29.54
C ALA C 7 20.52 32.82 30.36
N ALA C 8 20.26 31.67 29.71
CA ALA C 8 20.12 30.43 30.46
C ALA C 8 21.42 30.07 31.17
N LEU C 9 22.57 30.33 30.52
CA LEU C 9 23.86 30.00 31.12
C LEU C 9 24.09 30.74 32.44
N THR C 10 23.67 32.00 32.53
CA THR C 10 23.86 32.78 33.76
C THR C 10 23.16 32.16 34.96
N THR C 11 22.15 31.31 34.74
CA THR C 11 21.41 30.73 35.85
C THR C 11 21.96 29.40 36.32
N LEU C 12 22.96 28.83 35.64
CA LEU C 12 23.47 27.53 36.02
C LEU C 12 24.41 27.63 37.22
N ALA C 13 24.50 26.54 37.99
CA ALA C 13 25.39 26.50 39.14
C ALA C 13 26.82 26.77 38.72
N ALA C 14 27.59 27.38 39.63
CA ALA C 14 28.93 27.88 39.27
C ALA C 14 29.85 26.77 38.75
N ASP C 15 29.78 25.58 39.35
CA ASP C 15 30.67 24.53 38.89
C ASP C 15 30.27 24.03 37.50
N LEU C 16 28.97 23.87 37.27
CA LEU C 16 28.48 23.47 35.94
C LEU C 16 28.76 24.56 34.92
N GLN C 17 28.47 25.81 35.28
CA GLN C 17 28.74 26.94 34.39
C GLN C 17 30.19 26.97 33.94
N ALA C 18 31.12 26.88 34.90
CA ALA C 18 32.54 26.96 34.56
C ALA C 18 32.95 25.82 33.63
N ALA C 19 32.34 24.65 33.79
CA ALA C 19 32.74 23.48 33.02
C ALA C 19 32.14 23.49 31.61
N ILE C 20 30.91 24.00 31.44
CA ILE C 20 30.26 23.95 30.13
C ILE C 20 30.45 25.20 29.30
N ALA C 21 30.77 26.34 29.93
CA ALA C 21 30.95 27.57 29.16
C ALA C 21 31.97 27.45 28.02
N PRO C 22 33.14 26.80 28.20
CA PRO C 22 34.02 26.60 27.03
C PRO C 22 33.42 25.71 25.96
N MET C 23 32.49 24.82 26.32
CA MET C 23 31.84 23.98 25.33
C MET C 23 30.86 24.79 24.49
N LEU C 24 30.22 25.78 25.11
CA LEU C 24 29.25 26.65 24.45
C LEU C 24 29.89 27.86 23.79
N ALA C 25 31.18 28.09 24.01
CA ALA C 25 31.84 29.29 23.49
C ALA C 25 31.73 29.34 21.98
N ASP C 26 32.05 28.23 21.31
CA ASP C 26 31.89 28.03 19.87
C ASP C 26 30.53 28.58 19.43
N PRO C 27 30.50 29.67 18.64
CA PRO C 27 29.21 30.16 18.12
C PRO C 27 28.53 29.15 17.21
N HIS C 28 29.26 28.17 16.69
CA HIS C 28 28.66 27.05 15.96
C HIS C 28 28.49 25.82 16.83
N PHE C 29 28.27 26.00 18.13
CA PHE C 29 27.98 24.88 19.01
C PHE C 29 26.78 24.12 18.44
N PRO C 30 26.89 22.81 18.20
CA PRO C 30 25.83 22.09 17.49
C PRO C 30 24.66 21.59 18.35
N ALA C 31 24.51 22.09 19.58
CA ALA C 31 23.40 21.67 20.46
C ALA C 31 23.43 20.17 20.75
N LEU C 32 24.64 19.63 20.93
CA LEU C 32 24.83 18.23 21.31
C LEU C 32 26.14 18.12 22.06
N LEU C 33 26.25 17.09 22.89
CA LEU C 33 27.47 16.88 23.67
C LEU C 33 28.06 15.52 23.33
N GLU C 34 29.37 15.48 23.09
CA GLU C 34 30.06 14.21 22.90
C GLU C 34 30.11 13.46 24.23
N ALA C 35 30.31 12.14 24.14
CA ALA C 35 30.38 11.33 25.35
C ALA C 35 31.44 11.85 26.31
N ASP C 36 32.59 12.31 25.78
CA ASP C 36 33.65 12.82 26.63
C ASP C 36 33.29 14.16 27.28
N GLN C 37 32.43 14.94 26.62
CA GLN C 37 31.93 16.17 27.24
C GLN C 37 30.95 15.87 28.37
N VAL C 38 30.07 14.90 28.17
CA VAL C 38 29.17 14.51 29.26
C VAL C 38 29.95 14.04 30.47
N ALA C 39 31.03 13.27 30.25
CA ALA C 39 31.86 12.81 31.35
C ALA C 39 32.58 13.96 32.05
N THR C 40 33.08 14.92 31.28
CA THR C 40 33.71 16.10 31.87
C THR C 40 32.73 16.83 32.79
N LEU C 41 31.52 17.09 32.30
CA LEU C 41 30.53 17.78 33.12
C LEU C 41 30.20 16.99 34.37
N GLN C 42 30.12 15.66 34.24
CA GLN C 42 29.84 14.83 35.40
C GLN C 42 30.97 14.91 36.42
N HIS C 43 32.22 14.82 35.96
CA HIS C 43 33.36 14.91 36.86
C HIS C 43 33.40 16.27 37.56
N ALA C 44 33.10 17.35 36.84
CA ALA C 44 33.22 18.69 37.41
C ALA C 44 32.10 19.02 38.39
N THR C 45 30.97 18.31 38.32
CA THR C 45 29.82 18.62 39.14
C THR C 45 29.47 17.55 40.17
N GLY C 46 29.97 16.33 39.99
CA GLY C 46 29.49 15.23 40.80
C GLY C 46 28.07 14.82 40.55
N LEU C 47 27.43 15.34 39.51
CA LEU C 47 26.04 14.96 39.21
C LEU C 47 26.00 13.61 38.50
N ASP C 48 25.06 12.77 38.89
CA ASP C 48 24.84 11.57 38.08
C ASP C 48 24.14 11.97 36.77
N GLU C 49 23.99 11.00 35.86
CA GLU C 49 23.53 11.34 34.51
C GLU C 49 22.13 11.94 34.51
N ASP C 50 21.22 11.42 35.35
CA ASP C 50 19.86 11.93 35.39
C ASP C 50 19.83 13.37 35.87
N ALA C 51 20.59 13.67 36.93
CA ALA C 51 20.64 15.02 37.47
C ALA C 51 21.34 15.96 36.49
N LEU C 52 22.35 15.48 35.77
CA LEU C 52 23.03 16.35 34.82
C LEU C 52 22.10 16.74 33.68
N ALA C 53 21.35 15.78 33.16
CA ALA C 53 20.40 16.06 32.09
C ALA C 53 19.39 17.11 32.53
N PHE C 54 18.84 16.98 33.75
CA PHE C 54 17.89 18.00 34.22
C PHE C 54 18.56 19.34 34.39
N ALA C 55 19.83 19.36 34.82
CA ALA C 55 20.57 20.61 34.92
C ALA C 55 20.86 21.24 33.55
N LEU C 56 20.90 20.43 32.49
CA LEU C 56 21.18 20.92 31.15
C LEU C 56 19.94 21.22 30.32
N LEU C 57 18.77 20.72 30.73
CA LEU C 57 17.51 20.95 30.03
C LEU C 57 17.21 22.44 29.77
N PRO C 58 17.60 23.39 30.64
CA PRO C 58 17.35 24.81 30.31
C PRO C 58 18.11 25.29 29.08
N LEU C 59 19.27 24.72 28.79
CA LEU C 59 19.97 25.05 27.55
C LEU C 59 19.21 24.53 26.34
N ALA C 60 18.67 23.31 26.43
CA ALA C 60 17.83 22.78 25.36
C ALA C 60 16.57 23.62 25.19
N ALA C 61 15.95 24.02 26.30
CA ALA C 61 14.73 24.83 26.23
C ALA C 61 15.00 26.18 25.58
N ALA C 62 16.19 26.75 25.82
CA ALA C 62 16.55 28.03 25.21
C ALA C 62 16.75 27.92 23.69
N CYS C 63 16.88 26.70 23.16
CA CYS C 63 16.93 26.50 21.72
C CYS C 63 15.54 26.47 21.07
N ALA C 64 14.48 26.32 21.87
CA ALA C 64 13.12 26.19 21.35
C ALA C 64 12.68 27.45 20.60
N ARG C 65 11.63 27.28 19.78
CA ARG C 65 10.99 28.38 19.06
C ARG C 65 9.48 28.31 19.28
N PRO C 66 9.02 28.58 20.53
CA PRO C 66 7.57 28.55 20.82
C PRO C 66 6.91 29.87 20.41
N ASP C 67 6.91 30.14 19.10
CA ASP C 67 6.48 31.45 18.61
C ASP C 67 5.01 31.72 18.92
N LEU C 68 4.20 30.69 19.13
CA LEU C 68 2.80 30.90 19.46
C LEU C 68 2.57 30.95 20.96
N SER C 69 3.04 29.92 21.70
CA SER C 69 2.75 29.81 23.12
C SER C 69 3.71 30.57 24.01
N HIS C 70 4.93 30.84 23.53
CA HIS C 70 6.01 31.43 24.33
C HIS C 70 6.39 30.56 25.53
N PHE C 71 6.06 29.27 25.50
CA PHE C 71 6.45 28.33 26.55
C PHE C 71 7.57 27.45 26.00
N ASN C 72 8.81 27.72 26.42
CA ASN C 72 9.95 26.95 25.94
C ASN C 72 9.97 25.58 26.59
N VAL C 73 10.07 24.54 25.76
CA VAL C 73 10.17 23.16 26.21
C VAL C 73 11.48 22.57 25.68
N GLY C 74 12.26 21.97 26.56
CA GLY C 74 13.50 21.35 26.15
C GLY C 74 13.40 19.85 26.29
N ALA C 75 14.23 19.13 25.55
CA ALA C 75 14.37 17.69 25.70
C ALA C 75 15.82 17.31 25.42
N ILE C 76 16.26 16.21 26.03
CA ILE C 76 17.60 15.69 25.78
C ILE C 76 17.48 14.20 25.47
N ALA C 77 17.92 13.82 24.27
CA ALA C 77 17.93 12.42 23.84
C ALA C 77 19.32 11.85 24.05
N ARG C 78 19.40 10.74 24.76
CA ARG C 78 20.67 10.11 25.10
C ARG C 78 20.87 8.87 24.21
N GLY C 79 21.85 8.95 23.30
CA GLY C 79 22.09 7.88 22.36
C GLY C 79 22.94 6.76 22.93
N VAL C 80 22.86 5.58 22.30
CA VAL C 80 23.73 4.47 22.71
C VAL C 80 25.21 4.79 22.49
N SER C 81 25.53 5.69 21.57
CA SER C 81 26.92 6.13 21.45
C SER C 81 27.44 6.87 22.68
N GLY C 82 26.56 7.30 23.58
CA GLY C 82 26.95 8.18 24.66
C GLY C 82 26.79 9.67 24.37
N ARG C 83 26.46 10.06 23.15
CA ARG C 83 26.19 11.46 22.88
C ARG C 83 24.81 11.85 23.37
N TRP C 84 24.69 13.13 23.75
CA TRP C 84 23.42 13.73 24.16
C TRP C 84 23.01 14.79 23.15
N TYR C 85 21.78 14.72 22.66
CA TYR C 85 21.26 15.64 21.67
C TYR C 85 20.16 16.51 22.27
N PHE C 86 20.30 17.83 22.15
CA PHE C 86 19.28 18.78 22.59
C PHE C 86 18.13 18.81 21.60
N GLY C 87 16.92 19.04 22.12
CA GLY C 87 15.79 19.40 21.28
C GLY C 87 14.94 20.44 21.97
N GLY C 88 14.14 21.13 21.18
CA GLY C 88 13.22 22.14 21.71
C GLY C 88 11.98 22.23 20.84
N ASN C 89 10.88 22.64 21.45
CA ASN C 89 9.63 22.69 20.68
C ASN C 89 9.68 23.80 19.65
N MET C 90 8.91 23.63 18.56
CA MET C 90 8.81 24.62 17.49
C MET C 90 7.35 24.83 17.13
N GLU C 91 6.93 26.10 17.05
CA GLU C 91 5.60 26.50 16.61
C GLU C 91 5.76 27.56 15.52
N PHE C 92 4.98 27.43 14.45
CA PHE C 92 5.18 28.25 13.24
C PHE C 92 3.96 29.14 13.00
N LEU C 93 4.09 30.43 13.34
CA LEU C 93 3.02 31.38 13.09
C LEU C 93 2.72 31.45 11.59
N GLY C 94 1.45 31.57 11.26
CA GLY C 94 1.02 31.54 9.87
C GLY C 94 0.92 30.16 9.27
N ALA C 95 1.34 29.12 9.99
CA ALA C 95 1.13 27.74 9.55
C ALA C 95 -0.03 27.15 10.34
N THR C 96 0.02 25.86 10.65
CA THR C 96 -1.05 25.18 11.36
C THR C 96 -0.50 24.43 12.55
N MET C 97 -1.42 23.95 13.40
CA MET C 97 -1.06 23.08 14.51
C MET C 97 -0.33 21.82 14.05
N GLN C 98 -0.62 21.34 12.84
CA GLN C 98 -0.01 20.09 12.38
C GLN C 98 1.46 20.25 12.02
N GLN C 99 1.92 21.48 11.80
CA GLN C 99 3.33 21.71 11.51
C GLN C 99 4.20 21.80 12.77
N THR C 100 3.59 21.75 13.96
CA THR C 100 4.28 21.85 15.25
C THR C 100 5.25 20.69 15.45
N VAL C 101 6.35 20.97 16.15
CA VAL C 101 7.33 19.97 16.55
C VAL C 101 7.44 20.00 18.07
N HIS C 102 7.12 18.89 18.72
CA HIS C 102 7.31 18.83 20.16
C HIS C 102 8.78 18.69 20.49
N ALA C 103 9.15 19.10 21.71
CA ALA C 103 10.55 19.01 22.12
C ALA C 103 11.08 17.58 21.96
N GLU C 104 10.26 16.58 22.30
CA GLU C 104 10.70 15.19 22.17
C GLU C 104 11.00 14.84 20.72
N GLN C 105 10.11 15.25 19.80
CA GLN C 105 10.35 15.01 18.38
C GLN C 105 11.61 15.72 17.91
N SER C 106 11.83 16.95 18.40
CA SER C 106 13.00 17.72 18.05
C SER C 106 14.29 16.98 18.43
N ALA C 107 14.35 16.47 19.67
CA ALA C 107 15.58 15.83 20.12
C ALA C 107 15.79 14.50 19.42
N ILE C 108 14.71 13.73 19.24
CA ILE C 108 14.81 12.44 18.57
C ILE C 108 15.22 12.65 17.11
N SER C 109 14.55 13.57 16.42
CA SER C 109 14.91 13.90 15.04
C SER C 109 16.36 14.34 14.96
N HIS C 110 16.80 15.16 15.92
CA HIS C 110 18.19 15.60 15.96
C HIS C 110 19.15 14.40 15.97
N ALA C 111 18.96 13.50 16.93
CA ALA C 111 19.79 12.29 17.03
C ALA C 111 19.78 11.49 15.72
N TRP C 112 18.59 11.22 15.20
CA TRP C 112 18.47 10.41 13.99
C TRP C 112 19.19 11.08 12.81
N LEU C 113 18.92 12.37 12.58
CA LEU C 113 19.50 13.04 11.43
C LEU C 113 21.04 13.09 11.50
N ARG C 114 21.62 13.00 12.68
CA ARG C 114 23.07 12.89 12.82
C ARG C 114 23.57 11.45 12.87
N GLY C 115 22.74 10.49 12.48
CA GLY C 115 23.22 9.13 12.38
C GLY C 115 23.34 8.36 13.68
N GLU C 116 22.81 8.85 14.79
CA GLU C 116 22.75 8.02 15.98
C GLU C 116 21.97 6.74 15.66
N THR C 117 22.49 5.58 16.08
CA THR C 117 21.87 4.33 15.66
C THR C 117 20.62 3.99 16.47
N SER C 118 20.57 4.35 17.75
CA SER C 118 19.38 4.19 18.58
C SER C 118 19.59 4.96 19.89
N LEU C 119 18.51 5.12 20.65
CA LEU C 119 18.52 5.92 21.88
C LEU C 119 18.37 5.01 23.09
N ARG C 120 19.11 5.33 24.16
CA ARG C 120 18.89 4.67 25.44
C ARG C 120 17.72 5.28 26.20
N ALA C 121 17.58 6.61 26.13
CA ALA C 121 16.73 7.32 27.07
C ALA C 121 16.46 8.74 26.54
N ILE C 122 15.45 9.36 27.13
CA ILE C 122 15.15 10.77 26.88
C ILE C 122 14.76 11.41 28.22
N THR C 123 15.19 12.65 28.43
CA THR C 123 14.88 13.41 29.63
C THR C 123 14.09 14.65 29.25
N VAL C 124 12.98 14.88 29.96
CA VAL C 124 12.10 16.02 29.72
C VAL C 124 11.60 16.57 31.05
N ASN C 125 11.10 17.81 31.00
CA ASN C 125 10.51 18.47 32.17
C ASN C 125 9.04 18.11 32.39
N TYR C 126 8.37 17.54 31.38
CA TYR C 126 6.94 17.24 31.45
C TYR C 126 6.71 15.86 30.85
N THR C 127 5.70 15.15 31.37
CA THR C 127 5.37 13.84 30.83
C THR C 127 5.01 13.97 29.35
N PRO C 128 5.60 13.15 28.49
CA PRO C 128 5.27 13.22 27.05
C PRO C 128 3.78 13.02 26.78
N CYS C 129 3.25 13.83 25.87
CA CYS C 129 1.83 13.75 25.51
C CYS C 129 1.56 12.46 24.75
N GLY C 130 0.27 12.19 24.48
CA GLY C 130 -0.10 10.98 23.75
C GLY C 130 0.53 10.92 22.37
N HIS C 131 0.62 12.08 21.70
CA HIS C 131 1.22 12.18 20.38
C HIS C 131 2.70 11.79 20.42
N CYS C 132 3.44 12.28 21.41
CA CYS C 132 4.84 11.94 21.54
C CYS C 132 5.03 10.49 21.94
N ARG C 133 4.16 9.96 22.80
CA ARG C 133 4.27 8.55 23.16
C ARG C 133 4.14 7.67 21.92
N GLN C 134 3.15 7.99 21.08
CA GLN C 134 2.97 7.24 19.84
C GLN C 134 4.16 7.44 18.90
N PHE C 135 4.71 8.67 18.87
CA PHE C 135 5.88 8.94 18.05
C PHE C 135 7.07 8.07 18.46
N MET C 136 7.32 7.98 19.77
CA MET C 136 8.48 7.25 20.27
C MET C 136 8.35 5.75 20.04
N ASN C 137 7.13 5.24 19.93
CA ASN C 137 6.97 3.80 19.69
C ASN C 137 7.28 3.41 18.25
N GLU C 138 7.59 4.37 17.38
CA GLU C 138 8.07 4.08 16.03
C GLU C 138 9.54 3.70 16.00
N LEU C 139 10.31 4.09 17.02
CA LEU C 139 11.75 3.93 17.07
C LEU C 139 12.15 2.47 17.27
N ASN C 140 13.37 2.15 16.84
CA ASN C 140 13.88 0.81 17.05
C ASN C 140 14.07 0.49 18.54
N SER C 141 14.04 1.47 19.44
CA SER C 141 14.06 1.22 20.89
C SER C 141 12.72 0.76 21.44
N GLY C 142 11.63 1.00 20.71
CA GLY C 142 10.33 0.46 21.08
C GLY C 142 9.88 0.93 22.45
N LEU C 143 9.18 0.02 23.15
CA LEU C 143 8.62 0.30 24.46
C LEU C 143 9.67 0.29 25.58
N ALA C 144 10.92 -0.05 25.26
CA ALA C 144 11.97 -0.14 26.27
C ALA C 144 12.66 1.20 26.52
N LEU C 145 12.40 2.21 25.70
CA LEU C 145 13.05 3.51 25.87
C LEU C 145 12.79 4.07 27.26
N ARG C 146 13.86 4.47 27.98
CA ARG C 146 13.73 5.01 29.33
C ARG C 146 13.35 6.49 29.29
N ILE C 147 12.28 6.85 29.98
CA ILE C 147 11.79 8.22 30.02
C ILE C 147 12.05 8.78 31.40
N HIS C 148 12.88 9.82 31.47
CA HIS C 148 13.29 10.47 32.71
C HIS C 148 12.47 11.74 32.94
N LEU C 149 11.84 11.82 34.11
CA LEU C 149 10.92 12.88 34.48
C LEU C 149 11.28 13.45 35.84
N PRO C 150 10.89 14.69 36.13
CA PRO C 150 11.32 15.32 37.40
C PRO C 150 10.75 14.59 38.61
N GLY C 151 11.58 14.45 39.65
CA GLY C 151 11.16 13.85 40.89
C GLY C 151 10.72 12.40 40.82
N ARG C 152 10.74 11.79 39.64
CA ARG C 152 10.47 10.37 39.48
C ARG C 152 11.74 9.66 39.06
N GLU C 153 11.81 8.37 39.39
CA GLU C 153 12.73 7.51 38.68
C GLU C 153 12.26 7.32 37.24
N ALA C 154 13.19 6.94 36.37
CA ALA C 154 12.85 6.68 34.98
C ALA C 154 11.95 5.46 34.86
N HIS C 155 11.03 5.51 33.89
CA HIS C 155 10.25 4.35 33.49
C HIS C 155 10.40 4.13 31.99
N ALA C 156 10.15 2.89 31.57
CA ALA C 156 10.08 2.58 30.17
C ALA C 156 8.85 3.23 29.54
N LEU C 157 8.96 3.55 28.25
CA LEU C 157 7.80 4.01 27.50
C LEU C 157 6.60 3.10 27.72
N GLU C 158 6.85 1.80 27.86
CA GLU C 158 5.78 0.84 28.15
C GLU C 158 4.88 1.32 29.28
N HIS C 159 5.48 1.90 30.33
CA HIS C 159 4.69 2.38 31.46
C HIS C 159 3.69 3.46 31.05
N TYR C 160 4.07 4.31 30.09
CA TYR C 160 3.22 5.44 29.71
C TYR C 160 2.30 5.14 28.55
N LEU C 161 2.47 4.01 27.87
CA LEU C 161 1.67 3.65 26.70
C LEU C 161 1.23 2.19 26.83
N PRO C 162 0.27 1.90 27.71
CA PRO C 162 -0.26 0.54 27.80
C PRO C 162 -1.04 0.16 26.55
N ASP C 163 -1.08 -1.14 26.26
CA ASP C 163 -1.81 -1.64 25.09
C ASP C 163 -1.33 -0.92 23.83
N ALA C 164 -0.01 -0.88 23.66
CA ALA C 164 0.58 -0.02 22.64
C ALA C 164 0.28 -0.54 21.25
N PHE C 165 0.23 0.39 20.30
CA PHE C 165 0.15 0.11 18.89
C PHE C 165 1.43 0.65 18.25
N GLY C 166 2.00 -0.08 17.31
CA GLY C 166 3.25 0.33 16.69
C GLY C 166 3.52 -0.37 15.37
N PRO C 167 4.70 -0.10 14.79
CA PRO C 167 5.06 -0.74 13.51
C PRO C 167 4.92 -2.26 13.51
N LYS C 168 5.31 -2.93 14.61
CA LYS C 168 5.20 -4.39 14.65
C LYS C 168 3.77 -4.86 14.38
N ASP C 169 2.78 -4.08 14.82
CA ASP C 169 1.39 -4.45 14.58
C ASP C 169 1.03 -4.43 13.10
N LEU C 170 1.82 -3.76 12.27
CA LEU C 170 1.64 -3.80 10.82
C LEU C 170 2.73 -4.63 10.15
N GLU C 171 3.41 -5.47 10.92
CA GLU C 171 4.43 -6.39 10.40
C GLU C 171 5.59 -5.65 9.75
N ILE C 172 5.87 -4.44 10.23
CA ILE C 172 7.03 -3.69 9.78
C ILE C 172 8.24 -4.15 10.57
N LYS C 173 9.35 -4.42 9.86
CA LYS C 173 10.57 -4.88 10.50
C LYS C 173 11.67 -3.82 10.55
N THR C 174 11.63 -2.83 9.67
CA THR C 174 12.62 -1.75 9.67
C THR C 174 12.00 -0.57 10.41
N LEU C 175 12.49 -0.31 11.61
CA LEU C 175 11.95 0.71 12.49
C LEU C 175 12.71 2.02 12.32
N LEU C 176 12.11 3.11 12.81
CA LEU C 176 12.72 4.42 12.71
C LEU C 176 14.05 4.43 13.46
N MET C 177 15.10 4.89 12.79
CA MET C 177 16.52 4.94 13.18
CA MET C 177 16.52 4.94 13.18
C MET C 177 17.24 3.64 12.82
C MET C 177 17.24 3.64 12.82
N ASP C 178 16.55 2.63 12.29
CA ASP C 178 17.27 1.52 11.65
C ASP C 178 17.87 2.02 10.35
N GLU C 179 18.94 1.38 9.90
CA GLU C 179 19.58 1.77 8.65
C GLU C 179 18.62 1.63 7.49
N GLN C 180 18.48 2.69 6.69
CA GLN C 180 17.65 2.66 5.49
C GLN C 180 18.34 3.41 4.37
N ASP C 181 18.20 2.89 3.15
CA ASP C 181 18.81 3.52 1.97
C ASP C 181 17.93 3.16 0.77
N HIS C 182 17.15 4.13 0.29
CA HIS C 182 16.21 3.77 -0.77
C HIS C 182 16.82 3.77 -2.16
N GLY C 183 18.10 4.18 -2.29
CA GLY C 183 18.85 3.91 -3.51
C GLY C 183 18.58 4.81 -4.70
N PHE C 184 17.93 5.96 -4.50
CA PHE C 184 17.80 6.91 -5.60
C PHE C 184 19.17 7.49 -5.95
N PRO C 185 19.46 7.67 -7.23
CA PRO C 185 20.79 8.19 -7.62
C PRO C 185 20.98 9.63 -7.14
N VAL C 186 22.15 9.88 -6.57
CA VAL C 186 22.51 11.18 -6.00
C VAL C 186 23.42 11.90 -6.98
N SER C 187 22.98 13.06 -7.45
CA SER C 187 23.78 13.86 -8.36
C SER C 187 23.24 15.28 -8.35
N GLY C 188 24.03 16.20 -8.90
CA GLY C 188 23.66 17.61 -8.98
C GLY C 188 24.53 18.46 -8.06
N ASP C 189 24.07 19.69 -7.83
CA ASP C 189 24.80 20.57 -6.93
C ASP C 189 24.65 20.09 -5.48
N ALA C 190 25.31 20.78 -4.56
CA ALA C 190 25.39 20.30 -3.18
C ALA C 190 24.01 20.24 -2.53
N LEU C 191 23.15 21.24 -2.79
CA LEU C 191 21.85 21.25 -2.15
C LEU C 191 20.95 20.14 -2.70
N THR C 192 21.05 19.88 -4.00
CA THR C 192 20.27 18.81 -4.61
C THR C 192 20.70 17.46 -4.06
N GLN C 193 22.02 17.21 -4.01
CA GLN C 193 22.52 15.97 -3.42
C GLN C 193 22.07 15.83 -1.98
N ALA C 194 22.12 16.91 -1.19
CA ALA C 194 21.65 16.85 0.19
C ALA C 194 20.18 16.43 0.26
N ALA C 195 19.33 17.04 -0.58
CA ALA C 195 17.91 16.71 -0.56
C ALA C 195 17.64 15.26 -0.98
N ILE C 196 18.36 14.76 -1.98
CA ILE C 196 18.18 13.38 -2.42
C ILE C 196 18.66 12.42 -1.35
N GLN C 197 19.85 12.68 -0.78
CA GLN C 197 20.36 11.81 0.27
C GLN C 197 19.41 11.77 1.47
N ALA C 198 18.82 12.91 1.83
CA ALA C 198 17.86 12.93 2.92
C ALA C 198 16.63 12.09 2.58
N ALA C 199 16.20 12.13 1.32
CA ALA C 199 15.10 11.27 0.89
C ALA C 199 15.49 9.80 0.97
N ASN C 200 16.75 9.49 0.66
CA ASN C 200 17.22 8.10 0.60
C ASN C 200 17.25 7.44 1.96
N ARG C 201 17.35 8.20 3.06
CA ARG C 201 17.31 7.60 4.38
C ARG C 201 16.03 7.95 5.15
N CYS C 202 14.97 8.33 4.44
CA CYS C 202 13.74 8.63 5.12
C CYS C 202 13.02 7.34 5.51
N HIS C 203 12.02 7.48 6.37
CA HIS C 203 11.25 6.36 6.91
C HIS C 203 9.82 6.49 6.38
N ALA C 204 9.46 5.63 5.42
CA ALA C 204 8.12 5.78 4.86
C ALA C 204 7.55 4.43 4.45
N PRO C 205 7.46 3.46 5.37
CA PRO C 205 6.99 2.12 5.00
C PRO C 205 5.49 2.04 4.78
N TYR C 206 4.72 3.04 5.21
CA TYR C 206 3.26 2.94 5.09
C TYR C 206 2.76 3.50 3.76
N SER C 207 3.29 4.64 3.31
CA SER C 207 2.90 5.15 2.00
C SER C 207 3.91 4.88 0.90
N HIS C 208 5.15 4.50 1.25
CA HIS C 208 6.24 4.34 0.28
C HIS C 208 6.47 5.60 -0.54
N SER C 209 6.22 6.75 0.09
CA SER C 209 6.37 8.06 -0.55
C SER C 209 7.63 8.70 0.02
N PRO C 210 8.79 8.56 -0.62
CA PRO C 210 10.02 9.10 -0.03
C PRO C 210 10.12 10.60 -0.24
N SER C 211 10.70 11.29 0.74
CA SER C 211 10.92 12.72 0.54
C SER C 211 12.01 13.21 1.47
N GLY C 212 12.69 14.27 1.02
CA GLY C 212 13.71 14.93 1.83
C GLY C 212 13.76 16.40 1.47
N VAL C 213 14.12 17.23 2.43
CA VAL C 213 14.24 18.67 2.22
C VAL C 213 15.65 19.08 2.58
N ALA C 214 16.22 19.99 1.79
CA ALA C 214 17.51 20.59 2.11
C ALA C 214 17.38 22.10 1.99
N LEU C 215 17.99 22.82 2.95
CA LEU C 215 17.94 24.28 3.03
C LEU C 215 19.34 24.83 2.97
N GLU C 216 19.55 25.86 2.15
CA GLU C 216 20.87 26.44 1.96
C GLU C 216 20.88 27.86 2.51
N LEU C 217 21.85 28.15 3.36
CA LEU C 217 22.02 29.48 3.93
C LEU C 217 22.87 30.35 3.01
N LYS C 218 23.00 31.63 3.39
CA LYS C 218 23.81 32.57 2.62
C LYS C 218 25.26 32.09 2.50
N ASP C 219 25.88 31.70 3.60
CA ASP C 219 27.28 31.29 3.54
C ASP C 219 27.48 29.96 2.83
N GLY C 220 26.41 29.30 2.40
CA GLY C 220 26.51 28.00 1.78
C GLY C 220 26.28 26.83 2.72
N THR C 221 26.10 27.05 4.01
CA THR C 221 25.78 25.97 4.93
C THR C 221 24.45 25.34 4.56
N ILE C 222 24.36 24.01 4.71
CA ILE C 222 23.17 23.27 4.31
C ILE C 222 22.67 22.46 5.50
N PHE C 223 21.36 22.51 5.74
CA PHE C 223 20.69 21.65 6.70
C PHE C 223 19.59 20.87 5.99
N SER C 224 19.50 19.57 6.27
CA SER C 224 18.55 18.71 5.58
C SER C 224 17.67 17.95 6.57
N GLY C 225 16.52 17.50 6.08
CA GLY C 225 15.61 16.73 6.89
C GLY C 225 14.96 15.59 6.12
N SER C 226 14.77 14.44 6.78
CA SER C 226 14.17 13.27 6.17
C SER C 226 12.76 13.07 6.69
N TYR C 227 11.84 12.76 5.77
CA TYR C 227 10.49 12.34 6.09
C TYR C 227 10.54 11.16 7.06
N ALA C 228 9.69 11.18 8.09
CA ALA C 228 9.57 10.02 8.99
C ALA C 228 8.11 9.74 9.28
N GLU C 229 7.56 8.66 8.70
CA GLU C 229 6.18 8.30 8.95
C GLU C 229 6.03 7.64 10.32
N ASN C 230 4.78 7.44 10.71
CA ASN C 230 4.44 6.82 11.98
C ASN C 230 3.30 5.84 11.73
N ALA C 231 3.31 4.73 12.47
CA ALA C 231 2.29 3.70 12.28
C ALA C 231 0.87 4.24 12.47
N ALA C 232 0.71 5.21 13.38
CA ALA C 232 -0.57 5.87 13.64
C ALA C 232 -0.82 7.04 12.71
N PHE C 233 0.09 7.28 11.75
CA PHE C 233 -0.07 8.21 10.64
C PHE C 233 0.10 9.67 11.08
N ASN C 234 -0.83 10.21 11.89
CA ASN C 234 -0.74 11.63 12.23
C ASN C 234 0.56 12.05 12.93
N PRO C 235 1.21 11.25 13.78
CA PRO C 235 2.49 11.70 14.36
C PRO C 235 3.68 11.74 13.40
N THR C 236 3.46 11.41 12.11
CA THR C 236 4.46 11.60 11.07
C THR C 236 5.13 12.97 11.14
N LEU C 237 6.44 12.99 10.90
CA LEU C 237 7.17 14.25 10.83
C LEU C 237 7.49 14.57 9.37
N PRO C 238 7.03 15.69 8.82
CA PRO C 238 7.36 16.04 7.42
C PRO C 238 8.85 16.33 7.26
N PRO C 239 9.40 16.17 6.05
CA PRO C 239 10.84 16.40 5.87
C PRO C 239 11.28 17.84 6.17
N LEU C 240 10.44 18.82 5.84
CA LEU C 240 10.80 20.21 6.10
C LEU C 240 11.09 20.44 7.58
N GLN C 241 10.26 19.87 8.46
CA GLN C 241 10.44 20.07 9.90
C GLN C 241 11.80 19.61 10.37
N GLY C 242 12.30 18.52 9.80
CA GLY C 242 13.61 18.03 10.23
C GLY C 242 14.72 19.01 9.89
N ALA C 243 14.65 19.63 8.71
CA ALA C 243 15.64 20.62 8.29
C ALA C 243 15.54 21.89 9.12
N LEU C 244 14.32 22.40 9.33
CA LEU C 244 14.13 23.58 10.18
C LEU C 244 14.62 23.34 11.60
N ASN C 245 14.34 22.15 12.14
CA ASN C 245 14.80 21.77 13.48
C ASN C 245 16.31 21.91 13.59
N LEU C 246 17.04 21.31 12.64
CA LEU C 246 18.51 21.37 12.66
C LEU C 246 19.00 22.80 12.46
N LEU C 247 18.40 23.53 11.53
CA LEU C 247 18.77 24.94 11.32
C LEU C 247 18.63 25.73 12.62
N SER C 248 17.49 25.59 13.30
CA SER C 248 17.24 26.35 14.53
C SER C 248 18.15 25.89 15.67
N LEU C 249 18.30 24.57 15.85
CA LEU C 249 19.16 24.04 16.89
C LEU C 249 20.59 24.54 16.76
N ASN C 250 21.06 24.74 15.54
CA ASN C 250 22.41 25.23 15.34
C ASN C 250 22.51 26.75 15.37
N GLY C 251 21.46 27.44 15.83
CA GLY C 251 21.54 28.85 16.12
C GLY C 251 21.18 29.80 14.99
N TYR C 252 20.46 29.36 13.97
CA TYR C 252 20.07 30.22 12.86
C TYR C 252 18.58 30.56 12.93
N ASP C 253 18.23 31.67 12.30
CA ASP C 253 16.85 32.09 12.14
C ASP C 253 16.42 31.89 10.67
N TYR C 254 15.10 31.81 10.46
CA TYR C 254 14.59 31.48 9.14
C TYR C 254 14.99 32.46 8.03
N PRO C 255 15.12 33.78 8.27
CA PRO C 255 15.61 34.66 7.20
C PRO C 255 16.96 34.27 6.66
N ALA C 256 17.73 33.45 7.38
CA ALA C 256 19.01 33.00 6.83
C ALA C 256 18.83 32.06 5.63
N ILE C 257 17.65 31.48 5.42
CA ILE C 257 17.49 30.53 4.31
C ILE C 257 17.51 31.30 3.01
N GLN C 258 18.39 30.91 2.09
CA GLN C 258 18.40 31.51 0.76
C GLN C 258 17.75 30.63 -0.30
N ARG C 259 17.73 29.32 -0.09
CA ARG C 259 17.28 28.38 -1.13
C ARG C 259 16.82 27.09 -0.47
N ALA C 260 15.75 26.49 -0.98
CA ALA C 260 15.19 25.27 -0.43
C ALA C 260 14.83 24.31 -1.56
N ILE C 261 15.09 23.02 -1.35
CA ILE C 261 14.70 21.97 -2.29
C ILE C 261 13.96 20.88 -1.55
N LEU C 262 12.83 20.45 -2.13
CA LEU C 262 12.15 19.22 -1.74
C LEU C 262 12.38 18.18 -2.83
N ALA C 263 12.90 17.02 -2.44
CA ALA C 263 13.03 15.89 -3.35
C ALA C 263 11.94 14.89 -3.00
N GLU C 264 11.11 14.53 -3.98
CA GLU C 264 10.06 13.53 -3.78
C GLU C 264 9.65 13.01 -5.14
N LYS C 265 8.77 12.01 -5.14
CA LYS C 265 8.21 11.45 -6.35
C LYS C 265 6.97 12.24 -6.75
N ALA C 266 6.91 12.68 -8.01
CA ALA C 266 5.85 13.59 -8.40
C ALA C 266 4.47 12.94 -8.34
N ASP C 267 4.39 11.61 -8.49
CA ASP C 267 3.11 10.92 -8.46
C ASP C 267 3.04 9.94 -7.28
N ALA C 268 3.75 10.26 -6.19
CA ALA C 268 3.68 9.43 -5.01
C ALA C 268 2.28 9.51 -4.40
N ALA C 269 1.95 8.49 -3.59
CA ALA C 269 0.62 8.43 -2.98
C ALA C 269 0.36 9.63 -2.06
N LEU C 270 1.39 10.09 -1.35
CA LEU C 270 1.31 11.27 -0.50
C LEU C 270 2.33 12.31 -0.99
N ILE C 271 1.96 13.58 -0.90
CA ILE C 271 2.70 14.65 -1.57
C ILE C 271 3.04 15.75 -0.56
N GLN C 272 4.31 16.09 -0.45
CA GLN C 272 4.76 17.08 0.53
C GLN C 272 4.90 18.49 -0.04
N TRP C 273 4.76 18.64 -1.36
CA TRP C 273 5.12 19.91 -2.00
C TRP C 273 4.29 21.08 -1.47
N ASP C 274 2.96 20.91 -1.38
CA ASP C 274 2.10 22.04 -1.02
C ASP C 274 2.36 22.51 0.40
N ALA C 275 2.45 21.57 1.35
CA ALA C 275 2.69 21.97 2.72
C ALA C 275 4.10 22.54 2.89
N THR C 276 5.08 21.99 2.16
CA THR C 276 6.45 22.49 2.23
C THR C 276 6.52 23.93 1.74
N VAL C 277 5.90 24.20 0.59
CA VAL C 277 5.89 25.56 0.04
C VAL C 277 5.17 26.50 0.98
N ALA C 278 3.98 26.11 1.46
CA ALA C 278 3.19 27.01 2.29
C ALA C 278 3.90 27.32 3.61
N THR C 279 4.50 26.30 4.23
CA THR C 279 5.18 26.57 5.51
C THR C 279 6.41 27.45 5.32
N LEU C 280 7.21 27.19 4.29
CA LEU C 280 8.37 28.04 4.02
C LEU C 280 7.94 29.48 3.74
N LYS C 281 6.87 29.66 2.96
CA LYS C 281 6.40 31.01 2.65
C LYS C 281 5.97 31.73 3.93
N ALA C 282 5.28 31.02 4.83
CA ALA C 282 4.94 31.60 6.12
C ALA C 282 6.18 32.05 6.87
N LEU C 283 7.32 31.40 6.63
CA LEU C 283 8.58 31.74 7.29
C LEU C 283 9.40 32.73 6.49
N GLY C 284 8.86 33.26 5.39
CA GLY C 284 9.55 34.26 4.60
C GLY C 284 10.45 33.74 3.51
N CYS C 285 10.49 32.43 3.28
CA CYS C 285 11.30 31.85 2.22
C CYS C 285 10.44 31.68 0.97
N HIS C 286 10.87 32.27 -0.15
CA HIS C 286 10.13 32.15 -1.39
C HIS C 286 10.93 31.47 -2.50
N ASN C 287 12.13 30.98 -2.20
CA ASN C 287 13.01 30.34 -3.19
C ASN C 287 13.00 28.85 -2.92
N ILE C 288 12.04 28.16 -3.52
CA ILE C 288 11.77 26.74 -3.25
C ILE C 288 11.65 26.01 -4.58
N GLU C 289 12.43 24.94 -4.72
CA GLU C 289 12.42 24.12 -5.91
C GLU C 289 12.07 22.69 -5.56
N ARG C 290 11.52 21.97 -6.53
CA ARG C 290 11.15 20.56 -6.40
C ARG C 290 12.05 19.72 -7.29
N VAL C 291 12.73 18.74 -6.70
CA VAL C 291 13.55 17.78 -7.43
C VAL C 291 12.83 16.44 -7.43
N LEU C 292 12.73 15.81 -8.60
CA LEU C 292 11.90 14.61 -8.76
C LEU C 292 12.74 13.35 -8.63
N LEU C 293 12.19 12.38 -7.90
CA LEU C 293 12.83 11.10 -7.69
C LEU C 293 12.19 10.07 -8.60
N GLY C 294 13.00 9.16 -9.12
CA GLY C 294 12.51 8.01 -9.85
C GLY C 294 11.80 8.34 -11.15
N ARG D 4 -23.04 0.49 -0.28
CA ARG D 4 -22.09 0.86 0.77
C ARG D 4 -22.06 -0.18 1.89
N PHE D 5 -23.23 -0.63 2.33
CA PHE D 5 -23.32 -1.50 3.49
C PHE D 5 -23.57 -2.97 3.16
N GLN D 6 -23.96 -3.30 1.93
CA GLN D 6 -24.53 -4.62 1.67
C GLN D 6 -23.55 -5.74 1.97
N ALA D 7 -22.28 -5.57 1.58
CA ALA D 7 -21.28 -6.61 1.85
C ALA D 7 -21.10 -6.83 3.35
N ALA D 8 -20.88 -5.75 4.10
CA ALA D 8 -20.75 -5.87 5.54
C ALA D 8 -22.05 -6.33 6.19
N LEU D 9 -23.19 -6.00 5.59
CA LEU D 9 -24.47 -6.39 6.18
C LEU D 9 -24.67 -7.89 6.15
N THR D 10 -24.26 -8.55 5.06
CA THR D 10 -24.40 -10.00 4.97
C THR D 10 -23.59 -10.73 6.04
N THR D 11 -22.46 -10.17 6.48
CA THR D 11 -21.67 -10.82 7.51
C THR D 11 -22.27 -10.69 8.90
N LEU D 12 -23.42 -10.01 9.04
CA LEU D 12 -24.06 -9.85 10.33
C LEU D 12 -24.97 -11.03 10.64
N ALA D 13 -25.19 -11.28 11.93
CA ALA D 13 -26.16 -12.28 12.36
C ALA D 13 -27.54 -11.96 11.78
N ALA D 14 -28.33 -13.01 11.56
CA ALA D 14 -29.55 -12.87 10.76
C ALA D 14 -30.59 -11.99 11.44
N ASP D 15 -30.74 -12.10 12.76
CA ASP D 15 -31.73 -11.28 13.44
C ASP D 15 -31.33 -9.81 13.41
N LEU D 16 -30.03 -9.52 13.54
CA LEU D 16 -29.56 -8.14 13.43
C LEU D 16 -29.79 -7.60 12.02
N GLN D 17 -29.44 -8.41 11.00
CA GLN D 17 -29.67 -8.00 9.61
C GLN D 17 -31.11 -7.60 9.39
N ALA D 18 -32.05 -8.44 9.83
CA ALA D 18 -33.46 -8.18 9.57
C ALA D 18 -33.94 -6.94 10.30
N ALA D 19 -33.44 -6.71 11.52
CA ALA D 19 -33.88 -5.54 12.28
C ALA D 19 -33.30 -4.25 11.70
N ILE D 20 -32.05 -4.27 11.24
CA ILE D 20 -31.40 -3.03 10.82
C ILE D 20 -31.51 -2.76 9.31
N ALA D 21 -31.79 -3.77 8.51
CA ALA D 21 -31.87 -3.57 7.06
C ALA D 21 -32.82 -2.44 6.64
N PRO D 22 -34.04 -2.30 7.16
CA PRO D 22 -34.86 -1.16 6.75
C PRO D 22 -34.27 0.18 7.18
N MET D 23 -33.61 0.24 8.34
CA MET D 23 -32.99 1.49 8.77
C MET D 23 -31.89 1.96 7.83
N LEU D 24 -31.30 1.04 7.06
CA LEU D 24 -30.19 1.33 6.17
C LEU D 24 -30.61 1.51 4.72
N ALA D 25 -31.92 1.56 4.44
CA ALA D 25 -32.38 1.55 3.06
C ALA D 25 -31.99 2.83 2.32
N ASP D 26 -32.06 3.98 3.00
CA ASP D 26 -31.73 5.26 2.38
C ASP D 26 -30.28 5.27 1.91
N PRO D 27 -30.00 5.58 0.64
CA PRO D 27 -28.60 5.71 0.21
C PRO D 27 -27.81 6.75 1.00
N HIS D 28 -28.48 7.77 1.51
CA HIS D 28 -27.87 8.76 2.40
C HIS D 28 -28.29 8.54 3.85
N PHE D 29 -28.36 7.27 4.26
CA PHE D 29 -28.38 6.94 5.67
C PHE D 29 -27.30 7.75 6.40
N PRO D 30 -27.65 8.43 7.49
CA PRO D 30 -26.72 9.38 8.11
C PRO D 30 -25.64 8.78 8.99
N ALA D 31 -25.45 7.45 8.96
CA ALA D 31 -24.37 6.78 9.71
C ALA D 31 -24.49 7.02 11.22
N LEU D 32 -25.72 7.13 11.71
CA LEU D 32 -25.99 7.24 13.14
C LEU D 32 -27.31 6.55 13.43
N LEU D 33 -27.53 6.25 14.70
CA LEU D 33 -28.74 5.57 15.12
C LEU D 33 -29.43 6.39 16.21
N GLU D 34 -30.71 6.68 16.01
CA GLU D 34 -31.48 7.32 17.05
C GLU D 34 -31.61 6.37 18.25
N ALA D 35 -31.88 6.96 19.41
CA ALA D 35 -32.03 6.16 20.63
C ALA D 35 -33.11 5.10 20.47
N ASP D 36 -34.21 5.45 19.77
CA ASP D 36 -35.28 4.48 19.57
C ASP D 36 -34.86 3.36 18.62
N GLN D 37 -33.96 3.66 17.67
CA GLN D 37 -33.47 2.60 16.79
C GLN D 37 -32.54 1.65 17.54
N VAL D 38 -31.72 2.17 18.44
CA VAL D 38 -30.89 1.31 19.27
C VAL D 38 -31.77 0.36 20.07
N ALA D 39 -32.80 0.91 20.73
CA ALA D 39 -33.70 0.08 21.53
C ALA D 39 -34.39 -0.97 20.68
N THR D 40 -34.77 -0.60 19.45
CA THR D 40 -35.38 -1.56 18.54
C THR D 40 -34.43 -2.71 18.22
N LEU D 41 -33.16 -2.39 17.95
CA LEU D 41 -32.19 -3.44 17.65
C LEU D 41 -31.89 -4.27 18.90
N GLN D 42 -31.88 -3.64 20.07
CA GLN D 42 -31.66 -4.39 21.29
C GLN D 42 -32.80 -5.38 21.52
N HIS D 43 -34.04 -4.96 21.28
CA HIS D 43 -35.18 -5.84 21.50
C HIS D 43 -35.23 -6.97 20.49
N ALA D 44 -34.84 -6.69 19.24
CA ALA D 44 -34.88 -7.71 18.21
C ALA D 44 -33.77 -8.74 18.36
N THR D 45 -32.72 -8.42 19.10
CA THR D 45 -31.67 -9.38 19.41
C THR D 45 -31.67 -9.64 20.91
N GLY D 46 -30.75 -10.47 21.38
CA GLY D 46 -30.70 -10.58 22.82
C GLY D 46 -29.74 -9.63 23.48
N LEU D 47 -29.19 -8.68 22.73
CA LEU D 47 -27.91 -8.05 23.06
C LEU D 47 -28.09 -6.88 24.01
N ASP D 48 -27.20 -6.79 24.98
CA ASP D 48 -27.06 -5.54 25.72
C ASP D 48 -26.31 -4.52 24.85
N GLU D 49 -26.10 -3.33 25.40
CA GLU D 49 -25.60 -2.22 24.59
C GLU D 49 -24.19 -2.47 24.09
N ASP D 50 -23.30 -2.94 24.97
CA ASP D 50 -21.91 -3.16 24.57
C ASP D 50 -21.82 -4.20 23.47
N ALA D 51 -22.60 -5.28 23.57
CA ALA D 51 -22.54 -6.32 22.54
C ALA D 51 -23.14 -5.84 21.23
N LEU D 52 -24.20 -5.05 21.29
CA LEU D 52 -24.79 -4.50 20.07
C LEU D 52 -23.81 -3.60 19.34
N ALA D 53 -23.12 -2.72 20.07
CA ALA D 53 -22.14 -1.84 19.45
C ALA D 53 -21.03 -2.65 18.77
N PHE D 54 -20.48 -3.65 19.47
CA PHE D 54 -19.47 -4.52 18.87
C PHE D 54 -20.00 -5.15 17.58
N ALA D 55 -21.22 -5.67 17.61
CA ALA D 55 -21.80 -6.29 16.41
C ALA D 55 -22.07 -5.28 15.31
N LEU D 56 -22.14 -3.99 15.63
CA LEU D 56 -22.39 -2.98 14.60
C LEU D 56 -21.10 -2.41 14.01
N LEU D 57 -19.96 -2.66 14.65
CA LEU D 57 -18.70 -2.10 14.17
C LEU D 57 -18.42 -2.38 12.69
N PRO D 58 -18.73 -3.54 12.11
CA PRO D 58 -18.50 -3.72 10.67
C PRO D 58 -19.22 -2.70 9.80
N LEU D 59 -20.37 -2.20 10.25
CA LEU D 59 -21.08 -1.23 9.42
C LEU D 59 -20.43 0.14 9.49
N ALA D 60 -19.91 0.51 10.67
CA ALA D 60 -19.13 1.73 10.78
C ALA D 60 -17.85 1.62 9.95
N ALA D 61 -17.17 0.47 10.03
CA ALA D 61 -15.96 0.28 9.25
C ALA D 61 -16.26 0.40 7.75
N ALA D 62 -17.44 -0.06 7.32
CA ALA D 62 -17.82 0.06 5.91
C ALA D 62 -18.03 1.50 5.47
N CYS D 63 -18.13 2.44 6.42
CA CYS D 63 -18.20 3.86 6.08
C CYS D 63 -16.84 4.50 5.87
N ALA D 64 -15.75 3.77 6.14
CA ALA D 64 -14.43 4.36 6.14
C ALA D 64 -13.96 4.65 4.70
N ARG D 65 -12.97 5.53 4.59
CA ARG D 65 -12.34 5.81 3.31
C ARG D 65 -10.82 5.70 3.45
N PRO D 66 -10.31 4.47 3.67
CA PRO D 66 -8.84 4.28 3.75
C PRO D 66 -8.22 4.18 2.36
N ASP D 67 -8.24 5.29 1.63
CA ASP D 67 -7.86 5.26 0.21
C ASP D 67 -6.39 4.88 0.02
N LEU D 68 -5.54 5.14 1.02
CA LEU D 68 -4.13 4.77 0.92
C LEU D 68 -3.90 3.31 1.33
N SER D 69 -4.33 2.96 2.55
CA SER D 69 -4.01 1.68 3.16
C SER D 69 -4.96 0.55 2.77
N HIS D 70 -6.20 0.87 2.36
CA HIS D 70 -7.26 -0.10 2.13
C HIS D 70 -7.70 -0.82 3.39
N PHE D 71 -7.26 -0.37 4.58
CA PHE D 71 -7.64 -1.02 5.85
C PHE D 71 -8.74 -0.22 6.51
N ASN D 72 -9.97 -0.72 6.39
CA ASN D 72 -11.12 -0.06 7.01
C ASN D 72 -11.08 -0.22 8.53
N VAL D 73 -11.32 0.88 9.25
CA VAL D 73 -11.43 0.88 10.70
C VAL D 73 -12.70 1.63 11.08
N GLY D 74 -13.52 1.02 11.93
CA GLY D 74 -14.73 1.67 12.36
C GLY D 74 -14.71 2.01 13.83
N ALA D 75 -15.53 2.98 14.24
CA ALA D 75 -15.73 3.31 15.64
C ALA D 75 -17.18 3.73 15.84
N ILE D 76 -17.66 3.59 17.07
CA ILE D 76 -19.02 4.03 17.41
C ILE D 76 -18.95 4.85 18.69
N ALA D 77 -19.44 6.09 18.63
CA ALA D 77 -19.45 6.99 19.77
C ALA D 77 -20.87 7.06 20.33
N ARG D 78 -21.01 6.80 21.60
CA ARG D 78 -22.32 6.71 22.24
C ARG D 78 -22.53 7.99 23.07
N GLY D 79 -23.51 8.78 22.66
CA GLY D 79 -23.75 10.07 23.29
C GLY D 79 -24.73 9.98 24.45
N VAL D 80 -24.72 11.01 25.31
CA VAL D 80 -25.64 10.99 26.44
C VAL D 80 -27.09 11.03 25.96
N SER D 81 -27.34 11.61 24.80
CA SER D 81 -28.70 11.63 24.25
C SER D 81 -29.22 10.24 23.89
N GLY D 82 -28.37 9.21 23.92
CA GLY D 82 -28.77 7.89 23.51
C GLY D 82 -28.50 7.59 22.05
N ARG D 83 -28.20 8.60 21.23
CA ARG D 83 -27.86 8.36 19.84
C ARG D 83 -26.45 7.76 19.74
N TRP D 84 -26.24 6.93 18.72
CA TRP D 84 -24.94 6.32 18.45
C TRP D 84 -24.44 6.84 17.11
N TYR D 85 -23.17 7.22 17.03
CA TYR D 85 -22.61 7.81 15.82
C TYR D 85 -21.49 6.92 15.28
N PHE D 86 -21.58 6.56 14.01
CA PHE D 86 -20.52 5.81 13.36
C PHE D 86 -19.36 6.74 13.04
N GLY D 87 -18.16 6.20 13.08
CA GLY D 87 -17.00 6.86 12.49
C GLY D 87 -16.18 5.86 11.72
N GLY D 88 -15.47 6.35 10.71
CA GLY D 88 -14.53 5.52 9.96
C GLY D 88 -13.27 6.30 9.63
N ASN D 89 -12.16 5.58 9.47
CA ASN D 89 -10.92 6.27 9.17
C ASN D 89 -10.95 6.85 7.75
N MET D 90 -10.17 7.90 7.54
CA MET D 90 -10.12 8.58 6.25
C MET D 90 -8.68 8.87 5.91
N GLU D 91 -8.29 8.52 4.68
CA GLU D 91 -6.96 8.80 4.13
C GLU D 91 -7.17 9.46 2.78
N PHE D 92 -6.34 10.46 2.46
CA PHE D 92 -6.54 11.28 1.27
C PHE D 92 -5.32 11.18 0.38
N LEU D 93 -5.46 10.47 -0.74
CA LEU D 93 -4.38 10.37 -1.71
C LEU D 93 -4.07 11.75 -2.28
N GLY D 94 -2.78 12.01 -2.51
CA GLY D 94 -2.35 13.32 -2.96
C GLY D 94 -2.17 14.35 -1.87
N ALA D 95 -2.59 14.07 -0.64
CA ALA D 95 -2.35 14.98 0.48
C ALA D 95 -1.24 14.41 1.38
N THR D 96 -1.39 14.53 2.69
CA THR D 96 -0.34 14.12 3.62
C THR D 96 -0.92 13.31 4.78
N MET D 97 -0.01 12.72 5.56
CA MET D 97 -0.41 12.05 6.80
C MET D 97 -1.12 12.99 7.77
N GLN D 98 -0.75 14.28 7.77
CA GLN D 98 -1.37 15.23 8.69
C GLN D 98 -2.83 15.51 8.36
N GLN D 99 -3.27 15.13 7.16
CA GLN D 99 -4.66 15.33 6.77
C GLN D 99 -5.53 14.09 7.04
N THR D 100 -4.93 12.98 7.49
CA THR D 100 -5.69 11.74 7.72
C THR D 100 -6.47 11.83 9.04
N VAL D 101 -7.48 10.97 9.15
CA VAL D 101 -8.46 10.99 10.24
C VAL D 101 -8.64 9.58 10.78
N HIS D 102 -8.49 9.41 12.09
CA HIS D 102 -8.69 8.10 12.68
C HIS D 102 -10.18 7.85 12.90
N ALA D 103 -10.55 6.58 12.96
CA ALA D 103 -11.96 6.23 13.15
C ALA D 103 -12.52 6.87 14.42
N GLU D 104 -11.71 6.93 15.48
CA GLU D 104 -12.17 7.56 16.72
C GLU D 104 -12.39 9.06 16.55
N GLN D 105 -11.45 9.75 15.90
CA GLN D 105 -11.67 11.18 15.62
C GLN D 105 -12.92 11.35 14.77
N SER D 106 -13.11 10.46 13.79
CA SER D 106 -14.27 10.57 12.90
C SER D 106 -15.58 10.45 13.68
N ALA D 107 -15.66 9.46 14.57
CA ALA D 107 -16.92 9.21 15.30
C ALA D 107 -17.21 10.32 16.30
N ILE D 108 -16.17 10.79 17.00
CA ILE D 108 -16.34 11.88 17.96
C ILE D 108 -16.74 13.16 17.24
N SER D 109 -16.00 13.50 16.18
CA SER D 109 -16.31 14.69 15.39
C SER D 109 -17.72 14.60 14.82
N HIS D 110 -18.14 13.40 14.42
CA HIS D 110 -19.49 13.20 13.92
C HIS D 110 -20.53 13.58 14.97
N ALA D 111 -20.38 13.02 16.17
CA ALA D 111 -21.28 13.36 17.27
C ALA D 111 -21.29 14.86 17.53
N TRP D 112 -20.10 15.46 17.62
CA TRP D 112 -20.00 16.88 17.90
C TRP D 112 -20.73 17.70 16.84
N LEU D 113 -20.47 17.39 15.57
CA LEU D 113 -21.07 18.20 14.50
C LEU D 113 -22.57 17.95 14.34
N ARG D 114 -23.09 16.82 14.84
CA ARG D 114 -24.53 16.59 14.86
C ARG D 114 -25.20 17.14 16.12
N GLY D 115 -24.48 17.84 16.99
CA GLY D 115 -25.08 18.50 18.12
C GLY D 115 -25.05 17.76 19.44
N GLU D 116 -24.37 16.61 19.50
CA GLU D 116 -24.28 15.90 20.76
C GLU D 116 -23.49 16.73 21.77
N THR D 117 -23.98 16.78 23.01
CA THR D 117 -23.38 17.65 24.02
C THR D 117 -22.25 16.98 24.79
N SER D 118 -22.25 15.66 24.91
CA SER D 118 -21.10 14.91 25.44
C SER D 118 -21.29 13.44 25.11
N LEU D 119 -20.23 12.67 25.34
CA LEU D 119 -20.20 11.24 25.05
C LEU D 119 -20.09 10.46 26.34
N ARG D 120 -20.76 9.31 26.41
CA ARG D 120 -20.53 8.42 27.54
C ARG D 120 -19.51 7.31 27.24
N ALA D 121 -19.36 6.90 25.98
CA ALA D 121 -18.49 5.79 25.66
C ALA D 121 -18.15 5.82 24.18
N ILE D 122 -17.11 5.07 23.83
CA ILE D 122 -16.77 4.78 22.44
C ILE D 122 -16.36 3.33 22.34
N THR D 123 -16.74 2.70 21.24
CA THR D 123 -16.47 1.29 20.99
C THR D 123 -15.59 1.16 19.75
N VAL D 124 -14.48 0.41 19.88
CA VAL D 124 -13.54 0.19 18.79
C VAL D 124 -13.03 -1.24 18.87
N ASN D 125 -12.47 -1.72 17.75
CA ASN D 125 -11.89 -3.05 17.71
C ASN D 125 -10.46 -3.08 18.24
N TYR D 126 -9.73 -1.97 18.10
CA TYR D 126 -8.32 -1.91 18.48
C TYR D 126 -8.13 -0.79 19.49
N THR D 127 -7.20 -0.98 20.41
CA THR D 127 -6.91 0.04 21.41
C THR D 127 -6.57 1.36 20.73
N PRO D 128 -7.19 2.47 21.11
CA PRO D 128 -6.88 3.75 20.47
C PRO D 128 -5.40 4.09 20.63
N CYS D 129 -4.84 4.68 19.58
CA CYS D 129 -3.42 5.04 19.57
C CYS D 129 -3.18 6.23 20.49
N GLY D 130 -1.92 6.62 20.64
CA GLY D 130 -1.60 7.72 21.55
C GLY D 130 -2.12 9.05 21.07
N HIS D 131 -2.20 9.24 19.76
CA HIS D 131 -2.78 10.45 19.19
C HIS D 131 -4.26 10.54 19.53
N CYS D 132 -4.99 9.43 19.39
CA CYS D 132 -6.41 9.41 19.72
C CYS D 132 -6.65 9.56 21.22
N ARG D 133 -5.80 8.94 22.04
CA ARG D 133 -5.91 9.14 23.49
C ARG D 133 -5.77 10.61 23.85
N GLN D 134 -4.77 11.28 23.28
CA GLN D 134 -4.58 12.71 23.51
C GLN D 134 -5.76 13.52 22.97
N PHE D 135 -6.28 13.12 21.82
CA PHE D 135 -7.44 13.79 21.23
C PHE D 135 -8.64 13.68 22.15
N MET D 136 -8.89 12.48 22.68
CA MET D 136 -10.06 12.25 23.51
C MET D 136 -9.97 13.01 24.82
N ASN D 137 -8.76 13.30 25.30
CA ASN D 137 -8.63 14.06 26.54
C ASN D 137 -8.96 15.53 26.40
N GLU D 138 -9.23 16.02 25.17
CA GLU D 138 -9.72 17.38 25.00
C GLU D 138 -11.20 17.52 25.29
N LEU D 139 -11.93 16.41 25.33
CA LEU D 139 -13.38 16.42 25.37
C LEU D 139 -13.87 16.74 26.79
N ASN D 140 -15.10 17.28 26.88
CA ASN D 140 -15.67 17.57 28.19
C ASN D 140 -15.86 16.31 29.04
N SER D 141 -15.85 15.13 28.42
CA SER D 141 -15.89 13.87 29.16
C SER D 141 -14.56 13.52 29.81
N GLY D 142 -13.48 14.21 29.45
CA GLY D 142 -12.16 14.05 30.06
C GLY D 142 -11.70 12.60 30.14
N LEU D 143 -11.03 12.28 31.25
CA LEU D 143 -10.47 10.95 31.41
C LEU D 143 -11.51 9.91 31.80
N ALA D 144 -12.73 10.34 32.13
CA ALA D 144 -13.77 9.41 32.55
C ALA D 144 -14.40 8.66 31.38
N LEU D 145 -14.18 9.12 30.15
CA LEU D 145 -14.79 8.46 28.99
C LEU D 145 -14.49 6.97 28.99
N ARG D 146 -15.52 6.16 28.71
CA ARG D 146 -15.38 4.71 28.75
C ARG D 146 -15.00 4.18 27.36
N ILE D 147 -13.98 3.34 27.32
CA ILE D 147 -13.48 2.77 26.08
C ILE D 147 -13.79 1.29 26.07
N HIS D 148 -14.59 0.85 25.11
CA HIS D 148 -15.00 -0.54 24.99
C HIS D 148 -14.18 -1.24 23.91
N LEU D 149 -13.55 -2.35 24.29
CA LEU D 149 -12.74 -3.19 23.41
C LEU D 149 -13.28 -4.61 23.42
N PRO D 150 -13.11 -5.36 22.34
CA PRO D 150 -13.62 -6.74 22.30
C PRO D 150 -12.83 -7.64 23.25
N GLY D 151 -13.54 -8.55 23.91
CA GLY D 151 -12.91 -9.50 24.80
C GLY D 151 -12.32 -8.89 26.06
N ARG D 152 -11.84 -7.66 25.94
CA ARG D 152 -11.25 -6.93 27.05
C ARG D 152 -12.36 -6.28 27.90
N GLU D 153 -12.01 -5.94 29.13
CA GLU D 153 -12.93 -5.22 30.00
C GLU D 153 -12.89 -3.74 29.65
N ALA D 154 -14.06 -3.09 29.71
CA ALA D 154 -14.12 -1.65 29.48
C ALA D 154 -13.28 -0.91 30.52
N HIS D 155 -12.66 0.18 30.08
CA HIS D 155 -11.87 1.02 30.97
C HIS D 155 -12.12 2.48 30.64
N ALA D 156 -11.87 3.33 31.63
CA ALA D 156 -11.86 4.76 31.38
C ALA D 156 -10.61 5.13 30.59
N LEU D 157 -10.73 6.19 29.79
CA LEU D 157 -9.56 6.74 29.11
C LEU D 157 -8.39 6.90 30.07
N GLU D 158 -8.67 7.24 31.33
CA GLU D 158 -7.63 7.35 32.35
C GLU D 158 -6.71 6.14 32.38
N HIS D 159 -7.29 4.94 32.17
CA HIS D 159 -6.49 3.72 32.21
C HIS D 159 -5.48 3.65 31.06
N TYR D 160 -5.77 4.30 29.93
CA TYR D 160 -4.91 4.26 28.75
C TYR D 160 -4.01 5.48 28.60
N LEU D 161 -4.24 6.53 29.39
CA LEU D 161 -3.42 7.74 29.32
C LEU D 161 -2.96 8.09 30.74
N PRO D 162 -2.03 7.31 31.28
CA PRO D 162 -1.47 7.66 32.59
C PRO D 162 -0.74 8.99 32.51
N ASP D 163 -0.74 9.71 33.63
CA ASP D 163 -0.09 11.01 33.75
C ASP D 163 -0.45 11.91 32.57
N ALA D 164 -1.75 12.13 32.42
CA ALA D 164 -2.28 12.78 31.24
C ALA D 164 -2.05 14.28 31.26
N PHE D 165 -1.99 14.86 30.07
CA PHE D 165 -1.91 16.29 29.86
C PHE D 165 -3.16 16.71 29.08
N GLY D 166 -3.77 17.83 29.46
CA GLY D 166 -5.00 18.25 28.82
C GLY D 166 -5.30 19.73 28.98
N PRO D 167 -6.48 20.16 28.51
CA PRO D 167 -6.82 21.60 28.57
C PRO D 167 -6.77 22.19 29.97
N LYS D 168 -7.07 21.39 31.00
CA LYS D 168 -7.00 21.90 32.36
C LYS D 168 -5.58 22.30 32.75
N ASP D 169 -4.57 21.57 32.24
CA ASP D 169 -3.19 21.95 32.49
C ASP D 169 -2.84 23.30 31.88
N LEU D 170 -3.67 23.80 30.97
CA LEU D 170 -3.53 25.15 30.44
C LEU D 170 -4.68 26.05 30.87
N GLU D 171 -5.34 25.68 31.97
CA GLU D 171 -6.53 26.30 32.55
C GLU D 171 -7.56 26.74 31.51
N ILE D 172 -7.77 25.93 30.49
CA ILE D 172 -8.92 26.09 29.62
C ILE D 172 -10.14 25.61 30.38
N LYS D 173 -11.20 26.42 30.41
CA LYS D 173 -12.41 25.96 31.10
C LYS D 173 -13.50 25.48 30.14
N THR D 174 -13.56 25.99 28.91
CA THR D 174 -14.54 25.51 27.94
C THR D 174 -13.88 24.41 27.11
N LEU D 175 -14.29 23.16 27.37
CA LEU D 175 -13.72 21.98 26.74
C LEU D 175 -14.46 21.66 25.44
N LEU D 176 -13.84 20.81 24.64
CA LEU D 176 -14.42 20.42 23.36
C LEU D 176 -15.73 19.69 23.57
N MET D 177 -16.75 20.10 22.83
CA MET D 177 -18.17 19.71 22.88
C MET D 177 -18.96 20.51 23.92
N ASP D 178 -18.32 21.31 24.77
CA ASP D 178 -19.09 22.30 25.51
C ASP D 178 -19.60 23.38 24.54
N GLU D 179 -20.69 24.04 24.93
CA GLU D 179 -21.25 25.06 24.06
C GLU D 179 -20.29 26.22 23.87
N GLN D 180 -20.13 26.65 22.61
CA GLN D 180 -19.24 27.74 22.26
C GLN D 180 -19.92 28.59 21.19
N ASP D 181 -19.70 29.91 21.26
CA ASP D 181 -20.26 30.84 20.29
C ASP D 181 -19.35 32.06 20.23
N HIS D 182 -18.53 32.14 19.19
CA HIS D 182 -17.58 33.24 19.09
C HIS D 182 -18.21 34.52 18.57
N GLY D 183 -19.50 34.51 18.24
CA GLY D 183 -20.24 35.73 17.99
C GLY D 183 -19.96 36.46 16.70
N PHE D 184 -19.38 35.83 15.71
CA PHE D 184 -19.19 36.51 14.42
C PHE D 184 -20.54 36.66 13.72
N PRO D 185 -20.79 37.78 13.04
CA PRO D 185 -22.09 38.00 12.39
C PRO D 185 -22.30 37.08 11.19
N VAL D 186 -23.47 36.43 11.17
CA VAL D 186 -23.84 35.48 10.14
C VAL D 186 -24.61 36.22 9.05
N SER D 187 -24.10 36.18 7.83
CA SER D 187 -24.75 36.82 6.69
C SER D 187 -24.20 36.22 5.41
N GLY D 188 -24.82 36.57 4.29
CA GLY D 188 -24.37 36.11 2.97
C GLY D 188 -25.24 35.02 2.38
N ASP D 189 -24.72 34.37 1.34
CA ASP D 189 -25.47 33.25 0.78
C ASP D 189 -25.42 32.07 1.76
N ALA D 190 -26.16 30.99 1.41
CA ALA D 190 -26.29 29.87 2.32
C ALA D 190 -24.94 29.25 2.68
N LEU D 191 -24.07 29.08 1.68
CA LEU D 191 -22.77 28.47 1.96
C LEU D 191 -21.91 29.35 2.86
N THR D 192 -21.96 30.67 2.64
CA THR D 192 -21.22 31.60 3.49
C THR D 192 -21.73 31.57 4.92
N GLN D 193 -23.06 31.62 5.10
CA GLN D 193 -23.62 31.55 6.45
C GLN D 193 -23.22 30.24 7.15
N ALA D 194 -23.24 29.13 6.41
CA ALA D 194 -22.84 27.85 6.99
C ALA D 194 -21.38 27.87 7.44
N ALA D 195 -20.49 28.46 6.64
CA ALA D 195 -19.08 28.51 7.02
C ALA D 195 -18.88 29.34 8.26
N ILE D 196 -19.55 30.49 8.34
CA ILE D 196 -19.43 31.37 9.51
C ILE D 196 -20.01 30.68 10.75
N GLN D 197 -21.17 30.04 10.62
CA GLN D 197 -21.74 29.35 11.76
C GLN D 197 -20.84 28.22 12.23
N ALA D 198 -20.18 27.52 11.31
CA ALA D 198 -19.21 26.50 11.73
C ALA D 198 -18.06 27.13 12.52
N ALA D 199 -17.59 28.29 12.08
CA ALA D 199 -16.49 28.95 12.80
C ALA D 199 -16.96 29.42 14.17
N ASN D 200 -18.23 29.79 14.28
CA ASN D 200 -18.73 30.34 15.53
C ASN D 200 -18.78 29.30 16.64
N ARG D 201 -18.91 28.01 16.31
CA ARG D 201 -18.93 27.00 17.36
C ARG D 201 -17.64 26.17 17.42
N CYS D 202 -16.57 26.65 16.81
CA CYS D 202 -15.32 25.89 16.82
C CYS D 202 -14.62 26.04 18.18
N HIS D 203 -13.60 25.19 18.37
CA HIS D 203 -12.83 25.08 19.61
C HIS D 203 -11.40 25.50 19.29
N ALA D 204 -11.00 26.71 19.70
CA ALA D 204 -9.66 27.20 19.40
C ALA D 204 -9.12 28.07 20.53
N PRO D 205 -9.03 27.53 21.76
CA PRO D 205 -8.54 28.35 22.87
C PRO D 205 -7.04 28.56 22.91
N TYR D 206 -6.27 27.81 22.13
CA TYR D 206 -4.80 27.93 22.22
C TYR D 206 -4.26 28.97 21.26
N SER D 207 -4.79 29.05 20.04
CA SER D 207 -4.31 30.04 19.08
C SER D 207 -5.24 31.22 18.90
N HIS D 208 -6.45 31.15 19.45
CA HIS D 208 -7.50 32.16 19.21
C HIS D 208 -7.69 32.41 17.72
N SER D 209 -7.60 31.34 16.91
CA SER D 209 -7.75 31.40 15.46
C SER D 209 -8.94 30.55 15.07
N PRO D 210 -10.15 31.07 15.20
CA PRO D 210 -11.35 30.29 14.86
C PRO D 210 -11.48 30.10 13.37
N SER D 211 -12.02 28.95 12.98
CA SER D 211 -12.21 28.69 11.56
C SER D 211 -13.29 27.65 11.33
N GLY D 212 -13.88 27.71 10.14
CA GLY D 212 -14.92 26.76 9.75
C GLY D 212 -14.89 26.58 8.25
N VAL D 213 -15.27 25.37 7.81
CA VAL D 213 -15.31 25.03 6.38
C VAL D 213 -16.71 24.54 6.05
N ALA D 214 -17.26 25.00 4.92
CA ALA D 214 -18.54 24.50 4.44
C ALA D 214 -18.39 24.05 2.99
N LEU D 215 -18.98 22.90 2.67
CA LEU D 215 -18.93 22.31 1.34
C LEU D 215 -20.33 22.26 0.77
N GLU D 216 -20.50 22.72 -0.47
CA GLU D 216 -21.77 22.66 -1.17
C GLU D 216 -21.72 21.58 -2.24
N LEU D 217 -22.73 20.71 -2.25
CA LEU D 217 -22.73 19.62 -3.21
C LEU D 217 -23.59 19.96 -4.43
N LYS D 218 -23.35 19.20 -5.50
CA LYS D 218 -24.08 19.38 -6.76
C LYS D 218 -25.57 19.49 -6.53
N ASP D 219 -26.13 18.65 -5.66
CA ASP D 219 -27.57 18.69 -5.42
C ASP D 219 -27.99 19.80 -4.46
N GLY D 220 -27.05 20.64 -3.97
CA GLY D 220 -27.39 21.77 -3.11
C GLY D 220 -27.16 21.53 -1.62
N THR D 221 -26.90 20.29 -1.21
CA THR D 221 -26.69 19.97 0.19
C THR D 221 -25.40 20.59 0.70
N ILE D 222 -25.41 21.09 1.93
CA ILE D 222 -24.22 21.67 2.56
C ILE D 222 -23.76 20.80 3.73
N PHE D 223 -22.46 20.54 3.79
CA PHE D 223 -21.82 19.90 4.94
C PHE D 223 -20.75 20.84 5.48
N SER D 224 -20.72 21.05 6.79
CA SER D 224 -19.77 21.96 7.37
C SER D 224 -18.96 21.26 8.46
N GLY D 225 -17.78 21.80 8.72
CA GLY D 225 -16.94 21.32 9.79
C GLY D 225 -16.33 22.46 10.60
N SER D 226 -16.21 22.26 11.91
CA SER D 226 -15.63 23.23 12.81
C SER D 226 -14.23 22.80 13.23
N TYR D 227 -13.31 23.76 13.23
CA TYR D 227 -11.96 23.61 13.78
C TYR D 227 -12.01 23.09 15.22
N ALA D 228 -11.18 22.11 15.55
CA ALA D 228 -11.10 21.62 16.93
C ALA D 228 -9.65 21.52 17.37
N GLU D 229 -9.17 22.53 18.10
CA GLU D 229 -7.80 22.48 18.61
C GLU D 229 -7.65 21.46 19.74
N ASN D 230 -6.39 21.14 20.03
CA ASN D 230 -6.02 20.17 21.06
C ASN D 230 -4.88 20.76 21.88
N ALA D 231 -4.91 20.48 23.20
CA ALA D 231 -3.90 21.05 24.10
C ALA D 231 -2.48 20.63 23.72
N ALA D 232 -2.31 19.44 23.12
CA ALA D 232 -1.00 19.02 22.67
C ALA D 232 -0.70 19.44 21.22
N PHE D 233 -1.54 20.31 20.66
CA PHE D 233 -1.34 20.96 19.36
C PHE D 233 -1.55 20.00 18.19
N ASN D 234 -0.63 19.05 17.99
CA ASN D 234 -0.70 18.23 16.78
C ASN D 234 -2.00 17.44 16.57
N PRO D 235 -2.70 16.92 17.61
CA PRO D 235 -3.95 16.19 17.33
C PRO D 235 -5.16 17.06 16.97
N THR D 236 -4.93 18.37 16.77
CA THR D 236 -5.96 19.26 16.29
C THR D 236 -6.61 18.72 15.02
N LEU D 237 -7.94 18.82 14.94
CA LEU D 237 -8.67 18.46 13.73
C LEU D 237 -8.96 19.72 12.92
N PRO D 238 -8.41 19.88 11.72
CA PRO D 238 -8.71 21.09 10.91
C PRO D 238 -10.19 21.12 10.55
N PRO D 239 -10.72 22.29 10.16
CA PRO D 239 -12.16 22.36 9.84
C PRO D 239 -12.55 21.61 8.57
N LEU D 240 -11.66 21.50 7.58
CA LEU D 240 -12.02 20.78 6.35
C LEU D 240 -12.30 19.31 6.63
N GLN D 241 -11.50 18.68 7.50
CA GLN D 241 -11.70 17.27 7.82
C GLN D 241 -13.07 17.02 8.42
N GLY D 242 -13.56 17.95 9.25
CA GLY D 242 -14.90 17.79 9.80
C GLY D 242 -15.97 17.75 8.72
N ALA D 243 -15.87 18.64 7.73
CA ALA D 243 -16.86 18.66 6.66
C ALA D 243 -16.74 17.43 5.76
N LEU D 244 -15.51 17.03 5.40
CA LEU D 244 -15.32 15.84 4.58
C LEU D 244 -15.83 14.60 5.31
N ASN D 245 -15.62 14.55 6.63
CA ASN D 245 -16.12 13.44 7.43
C ASN D 245 -17.64 13.32 7.31
N LEU D 246 -18.38 14.41 7.56
CA LEU D 246 -19.84 14.35 7.45
C LEU D 246 -20.27 14.01 6.04
N LEU D 247 -19.64 14.61 5.05
CA LEU D 247 -19.98 14.33 3.65
C LEU D 247 -19.89 12.85 3.36
N SER D 248 -18.77 12.23 3.71
CA SER D 248 -18.58 10.81 3.40
C SER D 248 -19.51 9.94 4.23
N LEU D 249 -19.63 10.24 5.54
CA LEU D 249 -20.48 9.44 6.42
C LEU D 249 -21.93 9.44 5.97
N ASN D 250 -22.39 10.51 5.33
CA ASN D 250 -23.76 10.61 4.86
C ASN D 250 -23.92 10.09 3.43
N GLY D 251 -22.94 9.33 2.93
CA GLY D 251 -23.10 8.62 1.67
C GLY D 251 -22.68 9.36 0.42
N TYR D 252 -21.93 10.44 0.52
CA TYR D 252 -21.49 11.17 -0.66
C TYR D 252 -20.01 10.92 -0.93
N ASP D 253 -19.59 11.27 -2.14
CA ASP D 253 -18.22 11.13 -2.59
C ASP D 253 -17.72 12.50 -3.00
N TYR D 254 -16.40 12.67 -2.96
CA TYR D 254 -15.81 13.99 -3.19
C TYR D 254 -16.14 14.62 -4.54
N PRO D 255 -16.29 13.89 -5.65
CA PRO D 255 -16.69 14.57 -6.90
C PRO D 255 -18.00 15.34 -6.78
N ALA D 256 -18.83 15.03 -5.79
CA ALA D 256 -20.07 15.76 -5.59
C ALA D 256 -19.84 17.19 -5.12
N ILE D 257 -18.65 17.52 -4.62
CA ILE D 257 -18.38 18.86 -4.11
C ILE D 257 -18.36 19.82 -5.29
N GLN D 258 -19.18 20.86 -5.24
CA GLN D 258 -19.13 21.91 -6.26
C GLN D 258 -18.41 23.17 -5.81
N ARG D 259 -18.56 23.51 -4.53
CA ARG D 259 -18.10 24.78 -3.97
C ARG D 259 -17.67 24.58 -2.54
N ALA D 260 -16.63 25.30 -2.13
CA ALA D 260 -16.14 25.25 -0.75
C ALA D 260 -15.78 26.64 -0.27
N ILE D 261 -16.02 26.89 1.03
CA ILE D 261 -15.67 28.14 1.67
C ILE D 261 -14.92 27.85 2.96
N LEU D 262 -13.81 28.55 3.17
CA LEU D 262 -13.16 28.63 4.48
C LEU D 262 -13.40 30.01 5.09
N ALA D 263 -13.95 30.04 6.30
CA ALA D 263 -14.06 31.26 7.09
C ALA D 263 -13.01 31.25 8.21
N GLU D 264 -12.17 32.27 8.26
CA GLU D 264 -11.20 32.42 9.34
C GLU D 264 -10.86 33.90 9.48
N LYS D 265 -10.12 34.24 10.53
CA LYS D 265 -9.87 35.64 10.83
C LYS D 265 -8.75 36.20 9.96
N ALA D 266 -8.82 37.51 9.74
CA ALA D 266 -7.78 38.20 8.96
C ALA D 266 -6.46 38.24 9.68
N ASP D 267 -6.46 38.28 11.01
CA ASP D 267 -5.22 38.39 11.75
C ASP D 267 -4.87 37.09 12.47
N ALA D 268 -5.23 35.96 11.88
CA ALA D 268 -5.12 34.69 12.61
C ALA D 268 -3.65 34.34 12.82
N ALA D 269 -3.34 33.88 14.03
CA ALA D 269 -1.99 33.38 14.29
C ALA D 269 -1.70 32.10 13.50
N LEU D 270 -2.71 31.23 13.37
CA LEU D 270 -2.61 30.02 12.56
C LEU D 270 -3.59 30.13 11.41
N ILE D 271 -3.21 29.61 10.24
CA ILE D 271 -3.92 29.83 8.99
C ILE D 271 -4.25 28.47 8.36
N GLN D 272 -5.53 28.21 8.10
CA GLN D 272 -5.95 26.95 7.49
C GLN D 272 -6.02 27.01 5.97
N TRP D 273 -5.85 28.19 5.38
CA TRP D 273 -6.18 28.40 3.97
C TRP D 273 -5.35 27.51 3.05
N ASP D 274 -4.03 27.46 3.25
CA ASP D 274 -3.17 26.72 2.34
C ASP D 274 -3.47 25.22 2.37
N ALA D 275 -3.59 24.65 3.57
CA ALA D 275 -3.88 23.22 3.67
C ALA D 275 -5.28 22.89 3.19
N THR D 276 -6.23 23.80 3.44
CA THR D 276 -7.59 23.59 2.95
C THR D 276 -7.61 23.54 1.43
N VAL D 277 -6.93 24.51 0.79
CA VAL D 277 -6.87 24.55 -0.66
C VAL D 277 -6.16 23.31 -1.21
N ALA D 278 -5.00 22.97 -0.65
CA ALA D 278 -4.22 21.85 -1.18
C ALA D 278 -5.00 20.55 -1.10
N THR D 279 -5.62 20.28 0.05
CA THR D 279 -6.34 19.01 0.22
C THR D 279 -7.57 18.95 -0.69
N LEU D 280 -8.31 20.05 -0.80
CA LEU D 280 -9.46 20.04 -1.70
C LEU D 280 -9.05 19.84 -3.15
N LYS D 281 -7.92 20.45 -3.55
CA LYS D 281 -7.46 20.25 -4.93
C LYS D 281 -7.07 18.80 -5.16
N ALA D 282 -6.38 18.17 -4.20
CA ALA D 282 -6.11 16.74 -4.28
C ALA D 282 -7.37 15.91 -4.48
N LEU D 283 -8.49 16.36 -3.90
CA LEU D 283 -9.77 15.69 -4.06
C LEU D 283 -10.55 16.22 -5.27
N GLY D 284 -9.92 16.99 -6.14
CA GLY D 284 -10.55 17.40 -7.38
C GLY D 284 -11.48 18.58 -7.29
N CYS D 285 -11.50 19.30 -6.16
CA CYS D 285 -12.32 20.50 -6.01
C CYS D 285 -11.41 21.71 -6.20
N HIS D 286 -11.76 22.58 -7.14
CA HIS D 286 -10.97 23.78 -7.42
C HIS D 286 -11.74 25.07 -7.24
N ASN D 287 -13.00 25.02 -6.78
CA ASN D 287 -13.80 26.21 -6.51
C ASN D 287 -13.80 26.44 -5.00
N ILE D 288 -12.90 27.30 -4.53
CA ILE D 288 -12.68 27.50 -3.09
C ILE D 288 -12.56 28.99 -2.79
N GLU D 289 -13.36 29.48 -1.85
CA GLU D 289 -13.36 30.90 -1.47
C GLU D 289 -13.03 31.06 0.02
N ARG D 290 -12.42 32.18 0.37
CA ARG D 290 -12.10 32.50 1.75
C ARG D 290 -12.96 33.66 2.23
N VAL D 291 -13.66 33.46 3.35
CA VAL D 291 -14.45 34.49 3.99
C VAL D 291 -13.72 34.95 5.25
N LEU D 292 -13.51 36.25 5.37
CA LEU D 292 -12.78 36.82 6.49
C LEU D 292 -13.73 37.08 7.64
N LEU D 293 -13.33 36.64 8.83
CA LEU D 293 -14.03 36.98 10.06
C LEU D 293 -13.30 38.16 10.68
N GLY D 294 -14.06 39.15 11.13
CA GLY D 294 -13.47 40.40 11.62
C GLY D 294 -13.41 40.49 13.13
C1 DIO E . -9.75 -22.24 -32.72
C2 DIO E . -7.52 -21.74 -32.17
C1' DIO E . -10.06 -20.75 -32.82
C2' DIO E . -7.86 -20.26 -32.09
O1 DIO E . -8.40 -22.50 -32.97
O1' DIO E . -9.23 -20.00 -31.95
C1 DIO F . 9.04 -2.42 -11.89
C2 DIO F . 6.72 -2.75 -11.76
C1' DIO F . 9.17 -3.69 -12.73
C2' DIO F . 6.87 -4.06 -12.55
O1 DIO F . 7.77 -1.83 -11.99
O1' DIO F . 8.15 -4.62 -12.46
ZN ZN G . 5.98 -6.85 -15.77
C1 DIO H . 4.41 -1.69 -7.96
C2 DIO H . 4.83 -3.94 -7.62
C1' DIO H . 4.16 -1.94 -9.46
C2' DIO H . 4.66 -4.23 -9.11
O1 DIO H . 4.07 -2.82 -7.21
O1' DIO H . 3.84 -3.28 -9.76
C1 DIO I . -1.33 -10.72 5.53
C2 DIO I . -2.54 -9.76 7.30
C1' DIO I . -0.35 -9.56 5.59
C2' DIO I . -1.55 -8.60 7.34
O1 DIO I . -2.02 -10.94 6.73
O1' DIO I . -0.97 -8.40 6.07
C1 DIO J . 9.33 -23.82 -19.43
C2 DIO J . 7.39 -25.05 -18.94
C1' DIO J . 9.72 -24.88 -20.48
C2' DIO J . 7.75 -26.06 -20.02
O1 DIO J . 7.96 -23.78 -19.15
O1' DIO J . 9.13 -26.13 -20.24
C1 DIO K . 4.09 -24.83 -21.86
C2 DIO K . 3.75 -26.70 -20.52
C1' DIO K . 3.27 -25.40 -23.02
C2' DIO K . 3.45 -27.44 -21.83
O1 DIO K . 3.62 -25.31 -20.62
O1' DIO K . 2.72 -26.66 -22.73
ZN ZN L . 7.44 -21.58 -15.59
C1 DIO M . 11.10 4.14 -1.42
C2 DIO M . 10.73 4.74 0.85
C1' DIO M . 10.27 2.87 -1.19
C2' DIO M . 9.81 3.53 1.01
O1 DIO M . 10.93 5.16 -0.47
O1' DIO M . 9.31 3.01 -0.19
C1 DIO N . -2.44 2.00 10.44
C2 DIO N . -4.70 1.80 10.07
C1' DIO N . -2.24 1.18 9.18
C2' DIO N . -4.53 1.33 8.64
O1 DIO N . -3.67 2.68 10.40
O1' DIO N . -3.20 1.46 8.21
ZN ZN O . 4.27 15.75 22.85
C1 DIO P . 3.16 18.49 28.36
C2 DIO P . 3.11 18.18 26.05
C1' DIO P . 3.89 19.83 28.15
C2' DIO P . 3.89 19.47 25.84
O1 DIO P . 2.39 18.15 27.25
O1' DIO P . 4.64 19.83 26.97
C1 DIO Q . 2.60 22.82 25.48
C2 DIO Q . 0.55 23.88 24.94
C1' DIO Q . 3.38 24.10 25.13
C2' DIO Q . 1.36 25.15 25.24
O1 DIO Q . 1.29 22.70 24.97
O1' DIO Q . 2.58 25.11 24.58
C1 DIO R . -11.61 34.58 19.76
C2 DIO R . -10.70 32.81 20.97
C1' DIO R . -12.25 33.59 18.79
C2' DIO R . -11.22 31.82 19.93
O1 DIO R . -11.40 34.01 21.02
O1' DIO R . -11.49 32.42 18.69
C1 DIO S . -5.68 1.70 13.68
C2 DIO S . -5.33 0.65 15.77
C1' DIO S . -4.90 2.91 14.17
C2' DIO S . -4.54 1.87 16.24
O1 DIO S . -5.35 0.52 14.37
O1' DIO S . -4.97 3.03 15.56
ZN ZN T . -5.77 6.77 16.67
#